data_1AN9
#
_entry.id   1AN9
#
_cell.length_a   109.310
_cell.length_b   92.580
_cell.length_c   71.320
_cell.angle_alpha   90.00
_cell.angle_beta   90.00
_cell.angle_gamma   90.00
#
_symmetry.space_group_name_H-M   'P 21 21 21'
#
loop_
_entity.id
_entity.type
_entity.pdbx_description
1 polymer 'D-AMINO ACID OXIDASE'
2 non-polymer 'FLAVIN-ADENINE DINUCLEOTIDE'
3 non-polymer '2-AMINOBENZOIC ACID'
4 water water
#
_entity_poly.entity_id   1
_entity_poly.type   'polypeptide(L)'
_entity_poly.pdbx_seq_one_letter_code
;MRVVVIGAGVIGLSTALCIHERYHSVLQPLDVKVYADRFTPFTTTDVAAGLWQPYTSEPSNPQEANWNQQTFNYLLSHIG
SPNAANMGLTPVSGYNLFREAVPDPYWKDMVLGFRKLTPRELDMFPDYRYGWFNTSLILEGRKYLQWLTERLTERGVKFF
LRKVESFEEVARGGADVIINCTGVWAGVLQPDPLLQPGRGQIIKVDAPWLKNFIITHDLERGIYNSPYIIPGLQAVTLGG
TFQVGNWNEINNIQDHNTIWEGCCRLEPTLKDAKIVGEYTGFRPVRPQVRLEREQLRFGSSNTEVIHNYGHGGYGLTIHW
GCALEVAKLFGKVLEERNLL
;
_entity_poly.pdbx_strand_id   A,B
#
loop_
_chem_comp.id
_chem_comp.type
_chem_comp.name
_chem_comp.formula
FAD non-polymer 'FLAVIN-ADENINE DINUCLEOTIDE' 'C27 H33 N9 O15 P2'
#
# COMPACT_ATOMS: atom_id res chain seq x y z
N MET A 1 -25.47 -21.85 -31.64
CA MET A 1 -25.96 -22.20 -30.29
C MET A 1 -26.37 -20.95 -29.55
N ARG A 2 -27.45 -21.05 -28.78
CA ARG A 2 -27.95 -19.92 -28.02
C ARG A 2 -27.74 -20.22 -26.55
N VAL A 3 -26.76 -19.52 -25.97
CA VAL A 3 -26.40 -19.67 -24.57
C VAL A 3 -26.96 -18.49 -23.80
N VAL A 4 -27.69 -18.75 -22.73
CA VAL A 4 -28.23 -17.68 -21.92
C VAL A 4 -27.61 -17.82 -20.54
N VAL A 5 -26.87 -16.80 -20.15
CA VAL A 5 -26.21 -16.78 -18.85
C VAL A 5 -27.08 -15.94 -17.94
N ILE A 6 -27.43 -16.48 -16.78
CA ILE A 6 -28.25 -15.75 -15.83
C ILE A 6 -27.36 -15.27 -14.68
N GLY A 7 -27.20 -13.96 -14.59
CA GLY A 7 -26.39 -13.36 -13.54
C GLY A 7 -25.34 -12.40 -14.07
N ALA A 8 -25.33 -11.18 -13.57
CA ALA A 8 -24.37 -10.18 -14.02
C ALA A 8 -23.27 -9.89 -12.99
N GLY A 9 -23.08 -10.79 -12.03
CA GLY A 9 -22.02 -10.60 -11.06
C GLY A 9 -20.71 -11.10 -11.64
N VAL A 10 -19.66 -11.19 -10.82
CA VAL A 10 -18.37 -11.66 -11.32
C VAL A 10 -18.47 -13.05 -11.92
N ILE A 11 -19.27 -13.91 -11.29
CA ILE A 11 -19.43 -15.28 -11.75
C ILE A 11 -20.09 -15.34 -13.13
N GLY A 12 -21.17 -14.57 -13.30
CA GLY A 12 -21.86 -14.57 -14.58
C GLY A 12 -20.99 -14.06 -15.71
N LEU A 13 -20.50 -12.84 -15.56
CA LEU A 13 -19.66 -12.22 -16.59
C LEU A 13 -18.35 -12.96 -16.87
N SER A 14 -17.75 -13.54 -15.84
CA SER A 14 -16.51 -14.29 -16.03
C SER A 14 -16.80 -15.49 -16.92
N THR A 15 -17.85 -16.23 -16.58
CA THR A 15 -18.24 -17.39 -17.34
C THR A 15 -18.53 -17.03 -18.78
N ALA A 16 -19.26 -15.93 -19.00
CA ALA A 16 -19.63 -15.47 -20.33
C ALA A 16 -18.41 -15.24 -21.22
N LEU A 17 -17.44 -14.48 -20.71
CA LEU A 17 -16.22 -14.17 -21.46
C LEU A 17 -15.40 -15.41 -21.73
N CYS A 18 -15.22 -16.24 -20.73
CA CYS A 18 -14.42 -17.46 -20.87
C CYS A 18 -15.00 -18.35 -21.95
N ILE A 19 -16.32 -18.54 -21.94
CA ILE A 19 -16.99 -19.36 -22.94
C ILE A 19 -16.78 -18.72 -24.31
N HIS A 20 -17.03 -17.41 -24.40
CA HIS A 20 -16.90 -16.69 -25.65
C HIS A 20 -15.48 -16.70 -26.24
N GLU A 21 -14.47 -16.43 -25.40
CA GLU A 21 -13.09 -16.41 -25.85
C GLU A 21 -12.73 -17.76 -26.43
N ARG A 22 -13.15 -18.79 -25.72
CA ARG A 22 -12.88 -20.17 -26.08
C ARG A 22 -13.57 -20.69 -27.34
N TYR A 23 -14.88 -20.51 -27.43
CA TYR A 23 -15.65 -21.04 -28.55
C TYR A 23 -16.08 -20.17 -29.70
N HIS A 24 -15.95 -18.85 -29.56
CA HIS A 24 -16.38 -17.95 -30.63
C HIS A 24 -15.72 -18.21 -31.98
N SER A 25 -14.61 -18.95 -31.98
CA SER A 25 -13.90 -19.26 -33.22
C SER A 25 -14.35 -20.55 -33.88
N VAL A 26 -14.97 -21.43 -33.11
CA VAL A 26 -15.42 -22.71 -33.64
C VAL A 26 -16.94 -22.88 -33.77
N LEU A 27 -17.71 -22.24 -32.89
CA LEU A 27 -19.16 -22.34 -32.97
C LEU A 27 -19.72 -21.50 -34.09
N GLN A 28 -20.68 -22.06 -34.82
CA GLN A 28 -21.34 -21.35 -35.94
C GLN A 28 -22.00 -20.11 -35.30
N PRO A 29 -23.35 -20.01 -35.25
CA PRO A 29 -23.71 -18.75 -34.59
C PRO A 29 -23.64 -18.96 -33.08
N LEU A 30 -22.80 -18.18 -32.41
CA LEU A 30 -22.69 -18.31 -30.97
C LEU A 30 -23.43 -17.12 -30.41
N ASP A 31 -24.64 -17.35 -29.93
CA ASP A 31 -25.45 -16.30 -29.36
C ASP A 31 -25.36 -16.42 -27.86
N VAL A 32 -24.77 -15.42 -27.22
CA VAL A 32 -24.62 -15.42 -25.77
C VAL A 32 -25.32 -14.21 -25.20
N LYS A 33 -26.36 -14.45 -24.43
CA LYS A 33 -27.11 -13.36 -23.81
C LYS A 33 -26.98 -13.46 -22.31
N VAL A 34 -26.90 -12.32 -21.65
CA VAL A 34 -26.78 -12.29 -20.19
C VAL A 34 -28.05 -11.64 -19.66
N TYR A 35 -28.81 -12.39 -18.88
CA TYR A 35 -30.03 -11.88 -18.27
C TYR A 35 -29.70 -11.62 -16.82
N ALA A 36 -30.17 -10.50 -16.29
CA ALA A 36 -29.94 -10.16 -14.89
C ALA A 36 -30.91 -9.08 -14.47
N ASP A 37 -31.31 -9.09 -13.20
CA ASP A 37 -32.22 -8.08 -12.69
C ASP A 37 -31.50 -6.97 -11.94
N ARG A 38 -30.26 -7.27 -11.54
CA ARG A 38 -29.42 -6.32 -10.80
C ARG A 38 -28.14 -6.26 -11.61
N PHE A 39 -27.71 -5.06 -11.96
CA PHE A 39 -26.49 -4.90 -12.72
C PHE A 39 -25.43 -4.17 -11.94
N THR A 40 -24.18 -4.41 -12.35
CA THR A 40 -22.97 -3.87 -11.72
C THR A 40 -23.05 -3.24 -10.34
N PRO A 41 -23.26 -1.91 -10.23
CA PRO A 41 -23.29 -1.33 -8.88
C PRO A 41 -24.19 -1.98 -7.80
N PHE A 42 -25.17 -2.78 -8.21
CA PHE A 42 -26.09 -3.39 -7.26
C PHE A 42 -25.94 -4.89 -7.06
N THR A 43 -24.83 -5.46 -7.47
CA THR A 43 -24.62 -6.89 -7.30
C THR A 43 -23.76 -7.10 -6.06
N THR A 44 -23.81 -8.30 -5.50
CA THR A 44 -23.03 -8.61 -4.32
C THR A 44 -21.55 -8.36 -4.59
N THR A 45 -21.11 -8.66 -5.80
CA THR A 45 -19.72 -8.47 -6.21
C THR A 45 -19.16 -7.07 -6.00
N ASP A 46 -20.03 -6.07 -6.06
CA ASP A 46 -19.60 -4.68 -5.88
C ASP A 46 -19.39 -4.34 -4.42
N VAL A 47 -20.03 -5.12 -3.55
CA VAL A 47 -19.93 -4.92 -2.12
C VAL A 47 -18.70 -5.63 -1.60
N ALA A 48 -18.18 -6.55 -2.39
CA ALA A 48 -17.01 -7.33 -2.00
C ALA A 48 -15.82 -6.44 -1.67
N ALA A 49 -15.13 -6.80 -0.59
CA ALA A 49 -13.95 -6.05 -0.12
C ALA A 49 -12.90 -5.90 -1.23
N GLY A 50 -12.75 -6.94 -2.04
CA GLY A 50 -11.79 -6.89 -3.13
C GLY A 50 -10.45 -7.57 -2.92
N LEU A 51 -10.36 -8.49 -1.97
CA LEU A 51 -9.10 -9.18 -1.73
C LEU A 51 -9.15 -10.62 -2.20
N TRP A 52 -8.01 -11.12 -2.64
CA TRP A 52 -7.93 -12.49 -3.08
C TRP A 52 -7.42 -13.25 -1.87
N GLN A 53 -8.31 -13.98 -1.20
CA GLN A 53 -7.90 -14.77 -0.06
C GLN A 53 -8.98 -15.77 0.30
N PRO A 54 -8.68 -17.07 0.13
CA PRO A 54 -9.64 -18.12 0.44
C PRO A 54 -9.82 -18.23 1.95
N TYR A 55 -10.73 -19.09 2.36
CA TYR A 55 -10.99 -19.33 3.77
C TYR A 55 -9.73 -19.90 4.40
N THR A 56 -9.54 -19.64 5.69
CA THR A 56 -8.39 -20.18 6.41
C THR A 56 -8.57 -21.69 6.60
N SER A 57 -9.81 -22.15 6.45
CA SER A 57 -10.17 -23.56 6.58
C SER A 57 -9.91 -24.35 5.29
N GLU A 58 -9.54 -25.62 5.44
CA GLU A 58 -9.29 -26.49 4.29
C GLU A 58 -10.55 -26.56 3.43
N PRO A 59 -10.39 -26.77 2.12
CA PRO A 59 -11.56 -26.84 1.24
C PRO A 59 -12.31 -28.18 1.38
N SER A 60 -13.64 -28.11 1.29
CA SER A 60 -14.48 -29.31 1.38
C SER A 60 -14.25 -30.10 0.09
N ASN A 61 -14.50 -29.43 -1.03
CA ASN A 61 -14.29 -30.03 -2.33
C ASN A 61 -12.83 -29.74 -2.67
N PRO A 62 -11.98 -30.79 -2.71
CA PRO A 62 -10.55 -30.62 -3.01
C PRO A 62 -10.29 -29.79 -4.26
N GLN A 63 -11.20 -29.89 -5.23
CA GLN A 63 -11.09 -29.17 -6.50
C GLN A 63 -11.13 -27.64 -6.38
N GLU A 64 -11.69 -27.12 -5.28
CA GLU A 64 -11.75 -25.69 -5.08
C GLU A 64 -10.38 -25.10 -4.82
N ALA A 65 -9.49 -25.94 -4.29
CA ALA A 65 -8.12 -25.51 -4.03
C ALA A 65 -7.51 -25.15 -5.38
N ASN A 66 -7.67 -26.05 -6.35
CA ASN A 66 -7.14 -25.84 -7.68
C ASN A 66 -7.77 -24.64 -8.40
N TRP A 67 -9.06 -24.40 -8.19
CA TRP A 67 -9.71 -23.27 -8.83
C TRP A 67 -9.16 -21.96 -8.27
N ASN A 68 -8.89 -21.93 -6.97
CA ASN A 68 -8.33 -20.75 -6.35
C ASN A 68 -6.94 -20.47 -6.93
N GLN A 69 -6.20 -21.53 -7.18
CA GLN A 69 -4.87 -21.43 -7.74
C GLN A 69 -4.95 -20.86 -9.15
N GLN A 70 -5.75 -21.49 -10.00
CA GLN A 70 -5.92 -21.05 -11.37
C GLN A 70 -6.28 -19.57 -11.48
N THR A 71 -7.12 -19.11 -10.56
CA THR A 71 -7.55 -17.72 -10.54
C THR A 71 -6.39 -16.80 -10.19
N PHE A 72 -5.64 -17.13 -9.15
CA PHE A 72 -4.53 -16.29 -8.73
C PHE A 72 -3.51 -16.14 -9.85
N ASN A 73 -3.17 -17.25 -10.49
CA ASN A 73 -2.22 -17.23 -11.59
C ASN A 73 -2.76 -16.41 -12.76
N TYR A 74 -4.07 -16.49 -13.00
CA TYR A 74 -4.67 -15.72 -14.08
C TYR A 74 -4.57 -14.23 -13.76
N LEU A 75 -4.86 -13.86 -12.53
CA LEU A 75 -4.80 -12.46 -12.12
C LEU A 75 -3.36 -11.94 -12.09
N LEU A 76 -2.47 -12.71 -11.49
CA LEU A 76 -1.06 -12.35 -11.36
C LEU A 76 -0.46 -11.98 -12.70
N SER A 77 -0.84 -12.73 -13.75
CA SER A 77 -0.31 -12.47 -15.08
C SER A 77 -0.68 -11.13 -15.69
N HIS A 78 -1.59 -10.42 -15.04
CA HIS A 78 -2.01 -9.11 -15.53
C HIS A 78 -1.22 -8.01 -14.86
N ILE A 79 -0.49 -8.37 -13.80
CA ILE A 79 0.27 -7.41 -13.04
C ILE A 79 1.25 -6.57 -13.85
N GLY A 80 2.14 -7.22 -14.57
CA GLY A 80 3.11 -6.46 -15.34
C GLY A 80 2.58 -5.77 -16.60
N SER A 81 1.30 -5.46 -16.67
CA SER A 81 0.77 -4.85 -17.88
C SER A 81 -0.07 -3.62 -17.63
N PRO A 82 -0.16 -2.73 -18.63
CA PRO A 82 -0.99 -1.54 -18.43
C PRO A 82 -2.42 -2.08 -18.41
N ASN A 83 -3.37 -1.28 -17.95
CA ASN A 83 -4.76 -1.70 -17.86
C ASN A 83 -5.03 -2.59 -16.67
N ALA A 84 -3.98 -3.05 -16.00
CA ALA A 84 -4.13 -3.88 -14.81
C ALA A 84 -4.94 -3.09 -13.79
N ALA A 85 -4.61 -1.81 -13.62
CA ALA A 85 -5.32 -0.96 -12.69
C ALA A 85 -6.69 -0.56 -13.22
N ASN A 86 -6.86 -0.64 -14.53
CA ASN A 86 -8.13 -0.29 -15.15
C ASN A 86 -9.18 -1.37 -15.00
N MET A 87 -8.72 -2.60 -14.79
CA MET A 87 -9.65 -3.71 -14.59
C MET A 87 -9.85 -3.98 -13.09
N GLY A 88 -9.24 -3.14 -12.25
CA GLY A 88 -9.37 -3.27 -10.80
C GLY A 88 -8.27 -4.04 -10.10
N LEU A 89 -7.25 -4.46 -10.83
CA LEU A 89 -6.14 -5.23 -10.28
C LEU A 89 -4.94 -4.41 -9.80
N THR A 90 -4.43 -4.77 -8.63
CA THR A 90 -3.27 -4.13 -8.03
C THR A 90 -2.77 -5.01 -6.90
N PRO A 91 -1.45 -5.20 -6.80
CA PRO A 91 -0.85 -6.02 -5.74
C PRO A 91 -1.00 -5.32 -4.40
N VAL A 92 -1.14 -6.09 -3.33
CA VAL A 92 -1.26 -5.52 -2.00
C VAL A 92 -0.66 -6.51 -1.01
N SER A 93 -0.05 -6.00 0.05
CA SER A 93 0.56 -6.86 1.05
C SER A 93 -0.13 -6.60 2.38
N GLY A 94 -0.20 -7.62 3.23
CA GLY A 94 -0.89 -7.41 4.49
C GLY A 94 -0.82 -8.50 5.53
N TYR A 95 -1.45 -8.21 6.65
CA TYR A 95 -1.45 -9.09 7.80
C TYR A 95 -2.74 -9.83 8.06
N ASN A 96 -2.59 -11.06 8.54
CA ASN A 96 -3.71 -11.90 8.93
C ASN A 96 -3.37 -12.20 10.39
N LEU A 97 -4.08 -11.52 11.29
CA LEU A 97 -3.85 -11.62 12.71
C LEU A 97 -4.78 -12.55 13.47
N PHE A 98 -4.18 -13.36 14.34
CA PHE A 98 -4.89 -14.31 15.17
C PHE A 98 -4.58 -14.07 16.65
N ARG A 99 -5.50 -14.47 17.51
CA ARG A 99 -5.32 -14.32 18.93
C ARG A 99 -4.61 -15.55 19.45
N GLU A 100 -4.52 -16.58 18.62
CA GLU A 100 -3.90 -17.85 19.01
C GLU A 100 -3.18 -18.46 17.82
N ALA A 101 -2.31 -19.43 18.07
CA ALA A 101 -1.55 -20.08 17.00
C ALA A 101 -2.45 -20.95 16.16
N VAL A 102 -2.28 -20.90 14.84
CA VAL A 102 -3.10 -21.70 13.92
C VAL A 102 -2.25 -22.27 12.78
N PRO A 103 -2.65 -23.44 12.26
CA PRO A 103 -1.90 -24.07 11.17
C PRO A 103 -1.95 -23.17 9.95
N ASP A 104 -0.93 -23.30 9.11
CA ASP A 104 -0.88 -22.49 7.90
C ASP A 104 -2.04 -22.82 6.97
N PRO A 105 -2.40 -21.87 6.10
CA PRO A 105 -3.51 -22.08 5.17
C PRO A 105 -3.05 -22.94 3.99
N TYR A 106 -3.99 -23.68 3.39
CA TYR A 106 -3.66 -24.52 2.24
C TYR A 106 -3.12 -23.67 1.11
N TRP A 107 -3.47 -22.39 1.13
CA TRP A 107 -3.05 -21.45 0.12
C TRP A 107 -1.77 -20.69 0.46
N LYS A 108 -1.02 -21.17 1.46
CA LYS A 108 0.22 -20.51 1.88
C LYS A 108 1.19 -20.38 0.73
N ASP A 109 1.18 -21.34 -0.19
CA ASP A 109 2.08 -21.34 -1.34
C ASP A 109 1.50 -20.80 -2.65
N MET A 110 0.30 -20.20 -2.59
CA MET A 110 -0.32 -19.63 -3.77
C MET A 110 -0.04 -18.14 -3.81
N VAL A 111 -0.04 -17.55 -2.62
CA VAL A 111 0.24 -16.12 -2.46
C VAL A 111 1.76 -15.89 -2.52
N LEU A 112 2.17 -14.64 -2.70
CA LEU A 112 3.60 -14.33 -2.79
C LEU A 112 4.21 -14.09 -1.42
N GLY A 113 5.38 -14.68 -1.20
CA GLY A 113 6.12 -14.51 0.04
C GLY A 113 5.38 -14.69 1.34
N PHE A 114 4.86 -15.88 1.59
CA PHE A 114 4.15 -16.17 2.81
C PHE A 114 5.17 -16.47 3.91
N ARG A 115 4.93 -15.90 5.08
CA ARG A 115 5.78 -16.10 6.25
C ARG A 115 4.96 -15.72 7.47
N LYS A 116 5.42 -16.11 8.65
CA LYS A 116 4.71 -15.78 9.89
C LYS A 116 5.25 -14.47 10.43
N LEU A 117 4.41 -13.72 11.13
CA LEU A 117 4.84 -12.45 11.71
C LEU A 117 5.81 -12.69 12.85
N THR A 118 6.76 -11.78 13.04
CA THR A 118 7.73 -11.89 14.12
C THR A 118 7.22 -11.17 15.36
N PRO A 119 7.70 -11.55 16.55
CA PRO A 119 7.25 -10.90 17.78
C PRO A 119 7.33 -9.39 17.72
N ARG A 120 8.38 -8.85 17.07
CA ARG A 120 8.52 -7.40 16.97
C ARG A 120 7.48 -6.79 16.03
N GLU A 121 6.99 -7.59 15.08
CA GLU A 121 5.96 -7.11 14.16
C GLU A 121 4.64 -7.19 14.89
N LEU A 122 4.52 -8.19 15.76
CA LEU A 122 3.31 -8.37 16.55
C LEU A 122 3.17 -7.28 17.60
N ASP A 123 4.25 -6.56 17.87
CA ASP A 123 4.23 -5.45 18.83
C ASP A 123 3.40 -4.30 18.25
N MET A 124 3.12 -4.37 16.96
CA MET A 124 2.31 -3.35 16.28
C MET A 124 0.83 -3.67 16.50
N PHE A 125 0.54 -4.91 16.89
CA PHE A 125 -0.82 -5.38 17.12
C PHE A 125 -0.88 -6.07 18.48
N PRO A 126 -1.04 -5.28 19.55
CA PRO A 126 -1.10 -5.74 20.94
C PRO A 126 -2.19 -6.75 21.27
N ASP A 127 -3.28 -6.73 20.50
CA ASP A 127 -4.40 -7.63 20.75
C ASP A 127 -4.22 -9.04 20.20
N TYR A 128 -3.14 -9.28 19.46
CA TYR A 128 -2.92 -10.59 18.86
C TYR A 128 -1.51 -11.08 19.05
N ARG A 129 -1.34 -12.38 19.18
CA ARG A 129 0.00 -12.94 19.38
C ARG A 129 0.40 -13.92 18.29
N TYR A 130 -0.32 -13.92 17.18
CA TYR A 130 0.00 -14.80 16.07
C TYR A 130 -0.51 -14.20 14.76
N GLY A 131 0.15 -14.54 13.66
CA GLY A 131 -0.28 -14.01 12.40
C GLY A 131 0.67 -14.34 11.28
N TRP A 132 0.24 -14.01 10.07
CA TRP A 132 1.03 -14.24 8.87
C TRP A 132 1.10 -12.91 8.13
N PHE A 133 2.03 -12.83 7.20
CA PHE A 133 2.18 -11.66 6.35
C PHE A 133 2.39 -12.27 4.98
N ASN A 134 1.79 -11.68 3.96
CA ASN A 134 1.95 -12.18 2.60
C ASN A 134 1.45 -11.15 1.62
N THR A 135 1.81 -11.33 0.36
CA THR A 135 1.39 -10.41 -0.69
C THR A 135 0.29 -11.10 -1.50
N SER A 136 -0.79 -10.37 -1.76
CA SER A 136 -1.88 -10.92 -2.54
C SER A 136 -2.32 -9.88 -3.55
N LEU A 137 -3.50 -10.03 -4.10
CA LEU A 137 -3.99 -9.08 -5.09
C LEU A 137 -5.30 -8.46 -4.69
N ILE A 138 -5.53 -7.25 -5.19
CA ILE A 138 -6.77 -6.53 -4.96
C ILE A 138 -7.46 -6.60 -6.30
N LEU A 139 -8.73 -7.02 -6.30
CA LEU A 139 -9.53 -7.10 -7.51
C LEU A 139 -10.82 -6.35 -7.18
N GLU A 140 -10.80 -5.04 -7.38
CA GLU A 140 -11.95 -4.20 -7.09
C GLU A 140 -13.13 -4.77 -7.89
N GLY A 141 -14.14 -5.26 -7.17
CA GLY A 141 -15.30 -5.84 -7.83
C GLY A 141 -15.99 -4.97 -8.86
N ARG A 142 -16.39 -3.78 -8.44
CA ARG A 142 -17.09 -2.85 -9.31
C ARG A 142 -16.32 -2.57 -10.59
N LYS A 143 -15.04 -2.27 -10.44
CA LYS A 143 -14.17 -1.97 -11.57
C LYS A 143 -14.05 -3.17 -12.50
N TYR A 144 -13.83 -4.34 -11.91
CA TYR A 144 -13.71 -5.58 -12.66
C TYR A 144 -14.99 -5.86 -13.45
N LEU A 145 -16.13 -5.61 -12.82
CA LEU A 145 -17.42 -5.83 -13.46
C LEU A 145 -17.61 -4.90 -14.67
N GLN A 146 -17.25 -3.63 -14.52
CA GLN A 146 -17.35 -2.67 -15.62
C GLN A 146 -16.43 -3.13 -16.75
N TRP A 147 -15.22 -3.51 -16.37
CA TRP A 147 -14.22 -4.01 -17.30
C TRP A 147 -14.77 -5.19 -18.10
N LEU A 148 -15.20 -6.23 -17.40
CA LEU A 148 -15.75 -7.42 -18.02
C LEU A 148 -16.88 -7.06 -18.96
N THR A 149 -17.78 -6.21 -18.48
CA THR A 149 -18.93 -5.80 -19.27
C THR A 149 -18.50 -5.23 -20.62
N GLU A 150 -17.52 -4.32 -20.59
CA GLU A 150 -17.01 -3.69 -21.80
C GLU A 150 -16.43 -4.71 -22.77
N ARG A 151 -15.71 -5.70 -22.23
CA ARG A 151 -15.11 -6.74 -23.06
C ARG A 151 -16.22 -7.55 -23.70
N LEU A 152 -17.20 -7.94 -22.88
CA LEU A 152 -18.33 -8.72 -23.36
C LEU A 152 -19.14 -7.96 -24.39
N THR A 153 -19.32 -6.67 -24.15
CA THR A 153 -20.07 -5.82 -25.06
C THR A 153 -19.43 -5.74 -26.43
N GLU A 154 -18.13 -5.46 -26.48
CA GLU A 154 -17.44 -5.39 -27.76
C GLU A 154 -17.26 -6.78 -28.37
N ARG A 155 -17.66 -7.81 -27.63
CA ARG A 155 -17.59 -9.20 -28.09
C ARG A 155 -18.89 -9.61 -28.78
N GLY A 156 -19.90 -8.74 -28.70
CA GLY A 156 -21.18 -9.05 -29.29
C GLY A 156 -22.17 -9.68 -28.33
N VAL A 157 -21.88 -9.63 -27.03
CA VAL A 157 -22.75 -10.19 -26.03
C VAL A 157 -23.79 -9.14 -25.67
N LYS A 158 -25.05 -9.56 -25.52
CA LYS A 158 -26.14 -8.64 -25.19
C LYS A 158 -26.62 -8.84 -23.76
N PHE A 159 -26.90 -7.74 -23.07
CA PHE A 159 -27.35 -7.77 -21.68
C PHE A 159 -28.80 -7.37 -21.56
N PHE A 160 -29.56 -8.17 -20.83
CA PHE A 160 -30.98 -7.91 -20.65
C PHE A 160 -31.36 -7.82 -19.17
N LEU A 161 -32.03 -6.74 -18.81
CA LEU A 161 -32.48 -6.52 -17.45
C LEU A 161 -33.80 -7.27 -17.29
N ARG A 162 -33.75 -8.45 -16.70
CA ARG A 162 -34.97 -9.22 -16.53
C ARG A 162 -34.84 -10.25 -15.43
N LYS A 163 -35.94 -10.51 -14.73
CA LYS A 163 -35.90 -11.51 -13.68
C LYS A 163 -36.48 -12.82 -14.20
N VAL A 164 -35.59 -13.79 -14.34
CA VAL A 164 -35.96 -15.12 -14.80
C VAL A 164 -36.79 -15.80 -13.71
N GLU A 165 -38.09 -15.90 -13.94
CA GLU A 165 -39.01 -16.52 -12.99
C GLU A 165 -38.76 -18.04 -12.90
N SER A 166 -38.20 -18.62 -13.95
CA SER A 166 -37.93 -20.06 -13.97
C SER A 166 -37.03 -20.42 -15.15
N PHE A 167 -36.42 -21.60 -15.11
CA PHE A 167 -35.56 -22.04 -16.20
C PHE A 167 -36.41 -22.35 -17.43
N GLU A 168 -37.57 -22.93 -17.22
CA GLU A 168 -38.48 -23.31 -18.29
C GLU A 168 -38.78 -22.21 -19.29
N GLU A 169 -39.20 -21.05 -18.81
CA GLU A 169 -39.51 -19.93 -19.70
C GLU A 169 -38.33 -19.62 -20.60
N VAL A 170 -37.13 -19.65 -20.01
CA VAL A 170 -35.89 -19.38 -20.73
C VAL A 170 -35.66 -20.49 -21.75
N ALA A 171 -35.90 -21.73 -21.32
CA ALA A 171 -35.75 -22.90 -22.19
C ALA A 171 -36.68 -22.72 -23.39
N ARG A 172 -37.95 -22.41 -23.09
CA ARG A 172 -38.96 -22.19 -24.12
C ARG A 172 -38.56 -20.96 -24.93
N GLY A 173 -37.77 -20.09 -24.30
CA GLY A 173 -37.32 -18.89 -24.96
C GLY A 173 -36.26 -19.17 -26.04
N GLY A 174 -35.95 -20.45 -26.23
CA GLY A 174 -34.97 -20.83 -27.24
C GLY A 174 -33.54 -20.89 -26.73
N ALA A 175 -33.36 -21.25 -25.46
CA ALA A 175 -32.04 -21.35 -24.86
C ALA A 175 -31.56 -22.79 -24.85
N ASP A 176 -30.57 -23.10 -25.69
CA ASP A 176 -30.03 -24.45 -25.76
C ASP A 176 -29.23 -24.77 -24.51
N VAL A 177 -28.46 -23.80 -24.04
CA VAL A 177 -27.64 -23.96 -22.83
C VAL A 177 -27.83 -22.75 -21.93
N ILE A 178 -28.12 -23.01 -20.66
CA ILE A 178 -28.34 -21.96 -19.67
C ILE A 178 -27.27 -22.05 -18.60
N ILE A 179 -26.53 -20.97 -18.39
CA ILE A 179 -25.51 -20.98 -17.34
C ILE A 179 -26.18 -20.29 -16.16
N ASN A 180 -26.31 -21.02 -15.06
CA ASN A 180 -26.98 -20.51 -13.86
C ASN A 180 -25.99 -19.96 -12.85
N CYS A 181 -25.83 -18.64 -12.86
CA CYS A 181 -24.92 -17.93 -11.97
C CYS A 181 -25.68 -16.90 -11.15
N THR A 182 -26.80 -17.32 -10.61
CA THR A 182 -27.66 -16.43 -9.84
C THR A 182 -27.23 -16.15 -8.39
N GLY A 183 -26.08 -16.69 -7.99
CA GLY A 183 -25.59 -16.47 -6.65
C GLY A 183 -26.49 -16.89 -5.51
N VAL A 184 -26.70 -15.98 -4.56
CA VAL A 184 -27.52 -16.28 -3.39
C VAL A 184 -29.01 -16.48 -3.67
N TRP A 185 -29.46 -16.09 -4.85
CA TRP A 185 -30.86 -16.22 -5.21
C TRP A 185 -31.18 -17.43 -6.07
N ALA A 186 -30.19 -18.30 -6.27
CA ALA A 186 -30.38 -19.49 -7.08
C ALA A 186 -31.46 -20.42 -6.55
N GLY A 187 -31.79 -20.27 -5.27
CA GLY A 187 -32.81 -21.11 -4.66
C GLY A 187 -34.16 -20.94 -5.32
N VAL A 188 -34.44 -19.73 -5.80
CA VAL A 188 -35.69 -19.42 -6.46
C VAL A 188 -35.94 -20.24 -7.73
N LEU A 189 -34.92 -20.37 -8.56
CA LEU A 189 -35.04 -21.11 -9.82
C LEU A 189 -35.07 -22.62 -9.60
N GLN A 190 -34.48 -23.04 -8.47
CA GLN A 190 -34.40 -24.44 -8.09
C GLN A 190 -34.02 -24.46 -6.62
N PRO A 191 -34.93 -24.95 -5.76
CA PRO A 191 -34.73 -25.03 -4.30
C PRO A 191 -33.37 -25.59 -3.94
N ASP A 192 -32.67 -24.90 -3.07
CA ASP A 192 -31.38 -25.36 -2.60
C ASP A 192 -31.31 -25.06 -1.12
N PRO A 193 -31.57 -26.07 -0.29
CA PRO A 193 -31.56 -25.98 1.18
C PRO A 193 -30.16 -25.71 1.70
N LEU A 194 -29.17 -26.15 0.95
CA LEU A 194 -27.77 -25.96 1.32
C LEU A 194 -27.28 -24.54 1.06
N LEU A 195 -28.08 -23.75 0.35
CA LEU A 195 -27.72 -22.37 0.04
C LEU A 195 -28.43 -21.40 0.96
N GLN A 196 -27.64 -20.73 1.79
CA GLN A 196 -28.13 -19.75 2.74
C GLN A 196 -27.24 -18.52 2.62
N PRO A 197 -27.80 -17.32 2.85
CA PRO A 197 -26.97 -16.13 2.76
C PRO A 197 -26.11 -15.89 4.00
N GLY A 198 -24.92 -15.36 3.76
CA GLY A 198 -24.02 -15.03 4.84
C GLY A 198 -23.93 -13.53 4.71
N ARG A 199 -24.97 -12.83 5.16
CA ARG A 199 -25.03 -11.38 5.09
C ARG A 199 -23.76 -10.76 5.62
N GLY A 200 -23.34 -9.67 4.99
CA GLY A 200 -22.15 -8.99 5.40
C GLY A 200 -22.34 -7.50 5.19
N GLN A 201 -21.86 -6.70 6.14
CA GLN A 201 -21.96 -5.26 6.02
C GLN A 201 -20.53 -4.72 6.02
N ILE A 202 -20.31 -3.63 5.28
CA ILE A 202 -18.99 -3.01 5.20
C ILE A 202 -19.12 -1.50 5.18
N ILE A 203 -18.01 -0.82 5.43
CA ILE A 203 -17.93 0.63 5.43
C ILE A 203 -16.74 1.01 4.56
N LYS A 204 -16.97 1.83 3.55
CA LYS A 204 -15.89 2.28 2.68
C LYS A 204 -15.55 3.67 3.13
N VAL A 205 -14.31 3.83 3.57
CA VAL A 205 -13.84 5.11 4.07
C VAL A 205 -12.67 5.63 3.24
N ASP A 206 -12.42 6.93 3.29
CA ASP A 206 -11.30 7.51 2.57
C ASP A 206 -10.13 7.66 3.54
N ALA A 207 -9.09 6.89 3.31
CA ALA A 207 -7.89 6.91 4.14
C ALA A 207 -6.72 6.43 3.27
N PRO A 208 -6.28 7.28 2.33
CA PRO A 208 -5.17 6.97 1.40
C PRO A 208 -3.84 6.55 2.02
N TRP A 209 -3.59 6.95 3.26
CA TRP A 209 -2.35 6.59 3.94
C TRP A 209 -2.19 5.11 4.26
N LEU A 210 -3.29 4.35 4.26
CA LEU A 210 -3.25 2.92 4.55
C LEU A 210 -2.96 2.06 3.31
N LYS A 211 -1.74 1.53 3.27
CA LYS A 211 -1.26 0.72 2.14
C LYS A 211 -1.37 -0.78 2.34
N ASN A 212 -1.45 -1.21 3.60
CA ASN A 212 -1.53 -2.64 3.90
C ASN A 212 -2.89 -3.11 4.34
N PHE A 213 -3.19 -4.38 4.07
CA PHE A 213 -4.45 -4.95 4.49
C PHE A 213 -4.21 -5.66 5.81
N ILE A 214 -5.16 -5.54 6.71
CA ILE A 214 -5.06 -6.17 8.01
C ILE A 214 -6.37 -6.93 8.19
N ILE A 215 -6.27 -8.23 8.42
CA ILE A 215 -7.45 -9.06 8.62
C ILE A 215 -7.28 -9.76 9.96
N THR A 216 -8.23 -9.54 10.87
CA THR A 216 -8.18 -10.15 12.18
C THR A 216 -9.02 -11.41 12.18
N HIS A 217 -8.66 -12.39 12.99
CA HIS A 217 -9.39 -13.63 13.06
C HIS A 217 -9.77 -14.07 14.47
N ASP A 218 -11.07 -14.22 14.72
CA ASP A 218 -11.56 -14.69 16.00
C ASP A 218 -12.34 -15.98 15.74
N LEU A 219 -11.65 -17.10 15.91
CA LEU A 219 -12.22 -18.43 15.68
C LEU A 219 -13.60 -18.68 16.27
N GLU A 220 -13.86 -18.12 17.45
CA GLU A 220 -15.14 -18.28 18.13
C GLU A 220 -16.30 -17.71 17.32
N ARG A 221 -16.11 -16.53 16.74
CA ARG A 221 -17.18 -15.88 15.97
C ARG A 221 -17.24 -16.27 14.49
N GLY A 222 -16.37 -17.18 14.07
CA GLY A 222 -16.40 -17.61 12.69
C GLY A 222 -15.71 -16.65 11.73
N ILE A 223 -15.55 -17.13 10.50
CA ILE A 223 -14.88 -16.39 9.44
C ILE A 223 -15.53 -15.03 9.15
N TYR A 224 -14.69 -14.02 9.01
CA TYR A 224 -15.06 -12.64 8.74
C TYR A 224 -16.02 -11.94 9.69
N ASN A 225 -16.12 -12.46 10.90
CA ASN A 225 -16.95 -11.82 11.94
C ASN A 225 -15.94 -11.20 12.91
N SER A 226 -14.99 -10.48 12.34
CA SER A 226 -13.93 -9.84 13.10
C SER A 226 -13.42 -8.72 12.21
N PRO A 227 -12.99 -7.60 12.82
CA PRO A 227 -12.49 -6.44 12.08
C PRO A 227 -11.40 -6.67 11.04
N TYR A 228 -11.60 -6.04 9.89
CA TYR A 228 -10.62 -6.12 8.80
C TYR A 228 -10.57 -4.81 8.05
N ILE A 229 -9.37 -4.47 7.61
CA ILE A 229 -9.11 -3.24 6.87
C ILE A 229 -8.48 -3.64 5.55
N ILE A 230 -9.22 -3.50 4.47
CA ILE A 230 -8.73 -3.86 3.15
C ILE A 230 -8.62 -2.60 2.30
N PRO A 231 -7.40 -2.12 2.02
CA PRO A 231 -7.34 -0.92 1.20
C PRO A 231 -7.68 -1.27 -0.26
N GLY A 232 -8.53 -0.48 -0.88
CA GLY A 232 -8.89 -0.74 -2.26
C GLY A 232 -8.08 0.12 -3.20
N LEU A 233 -8.57 0.33 -4.41
CA LEU A 233 -7.87 1.15 -5.38
C LEU A 233 -7.82 2.61 -4.95
N GLN A 234 -8.94 3.14 -4.51
CA GLN A 234 -8.97 4.53 -4.06
C GLN A 234 -9.97 4.79 -2.94
N ALA A 235 -10.07 3.82 -2.04
CA ALA A 235 -10.95 3.87 -0.88
C ALA A 235 -10.59 2.64 -0.08
N VAL A 236 -10.89 2.65 1.22
CA VAL A 236 -10.59 1.51 2.08
C VAL A 236 -11.89 0.86 2.54
N THR A 237 -11.89 -0.46 2.61
CA THR A 237 -13.05 -1.20 3.06
C THR A 237 -12.77 -1.69 4.47
N LEU A 238 -13.71 -1.38 5.34
CA LEU A 238 -13.70 -1.75 6.74
C LEU A 238 -14.86 -2.73 6.85
N GLY A 239 -14.67 -3.81 7.59
CA GLY A 239 -15.77 -4.74 7.70
C GLY A 239 -15.61 -5.74 8.82
N GLY A 240 -16.52 -6.71 8.86
CA GLY A 240 -16.45 -7.72 9.89
C GLY A 240 -17.75 -8.40 10.30
N THR A 241 -18.59 -8.82 9.35
CA THR A 241 -19.83 -9.54 9.68
C THR A 241 -20.13 -10.61 8.65
N PHE A 242 -20.38 -11.81 9.13
CA PHE A 242 -20.68 -12.97 8.30
C PHE A 242 -21.88 -13.63 9.01
N GLN A 243 -23.07 -13.12 8.72
CA GLN A 243 -24.31 -13.61 9.35
C GLN A 243 -25.12 -14.57 8.48
N VAL A 244 -24.92 -15.87 8.68
CA VAL A 244 -25.66 -16.88 7.92
C VAL A 244 -27.14 -16.87 8.30
N GLY A 245 -28.00 -17.10 7.32
CA GLY A 245 -29.43 -17.12 7.57
C GLY A 245 -30.07 -15.75 7.68
N ASN A 246 -29.26 -14.70 7.61
CA ASN A 246 -29.79 -13.35 7.70
C ASN A 246 -30.06 -12.79 6.31
N TRP A 247 -31.32 -12.46 6.06
CA TRP A 247 -31.75 -11.93 4.77
C TRP A 247 -31.96 -10.42 4.76
N ASN A 248 -31.45 -9.73 5.78
CA ASN A 248 -31.63 -8.28 5.81
C ASN A 248 -30.69 -7.52 4.87
N GLU A 249 -31.28 -6.73 3.99
CA GLU A 249 -30.55 -5.96 3.00
C GLU A 249 -30.22 -4.53 3.42
N ILE A 250 -30.77 -4.08 4.53
CA ILE A 250 -30.54 -2.72 4.99
C ILE A 250 -29.44 -2.66 6.05
N ASN A 251 -28.71 -1.56 6.06
CA ASN A 251 -27.60 -1.35 7.00
C ASN A 251 -28.05 -1.33 8.45
N ASN A 252 -27.42 -2.19 9.24
CA ASN A 252 -27.69 -2.31 10.67
C ASN A 252 -26.82 -1.28 11.41
N ILE A 253 -27.37 -0.64 12.44
CA ILE A 253 -26.64 0.34 13.24
C ILE A 253 -25.61 -0.34 14.13
N GLN A 254 -26.03 -1.44 14.75
CA GLN A 254 -25.15 -2.19 15.63
C GLN A 254 -23.94 -2.70 14.83
N ASP A 255 -24.19 -3.15 13.60
CA ASP A 255 -23.13 -3.64 12.71
C ASP A 255 -22.20 -2.50 12.32
N HIS A 256 -22.75 -1.30 12.14
CA HIS A 256 -21.93 -0.14 11.80
C HIS A 256 -20.95 0.03 12.96
N ASN A 257 -21.50 0.02 14.17
CA ASN A 257 -20.73 0.18 15.39
C ASN A 257 -19.72 -0.92 15.66
N THR A 258 -20.01 -2.14 15.24
CA THR A 258 -19.09 -3.25 15.43
C THR A 258 -17.87 -3.07 14.55
N ILE A 259 -18.12 -2.59 13.34
CA ILE A 259 -17.08 -2.37 12.35
C ILE A 259 -16.25 -1.13 12.67
N TRP A 260 -16.90 0.01 12.80
CA TRP A 260 -16.17 1.23 13.08
C TRP A 260 -15.28 1.15 14.30
N GLU A 261 -15.88 0.81 15.44
CA GLU A 261 -15.14 0.71 16.69
C GLU A 261 -13.98 -0.28 16.59
N GLY A 262 -14.28 -1.50 16.17
CA GLY A 262 -13.26 -2.53 16.05
C GLY A 262 -12.13 -2.14 15.13
N CYS A 263 -12.45 -1.44 14.05
CA CYS A 263 -11.44 -1.00 13.10
C CYS A 263 -10.61 0.14 13.63
N CYS A 264 -11.22 1.03 14.40
CA CYS A 264 -10.48 2.13 14.97
C CYS A 264 -9.55 1.63 16.07
N ARG A 265 -9.91 0.50 16.68
CA ARG A 265 -9.05 -0.06 17.71
C ARG A 265 -7.83 -0.69 17.05
N LEU A 266 -8.07 -1.38 15.94
CA LEU A 266 -7.01 -2.04 15.19
C LEU A 266 -6.11 -0.97 14.61
N GLU A 267 -6.73 0.01 13.96
CA GLU A 267 -6.01 1.10 13.31
C GLU A 267 -6.54 2.46 13.73
N PRO A 268 -5.96 3.02 14.80
CA PRO A 268 -6.33 4.31 15.37
C PRO A 268 -6.42 5.50 14.41
N THR A 269 -5.56 5.53 13.37
CA THR A 269 -5.58 6.63 12.43
C THR A 269 -6.90 6.76 11.68
N LEU A 270 -7.74 5.73 11.76
CA LEU A 270 -9.04 5.73 11.10
C LEU A 270 -9.95 6.88 11.55
N LYS A 271 -9.56 7.58 12.61
CA LYS A 271 -10.32 8.71 13.14
C LYS A 271 -10.41 9.91 12.18
N ASP A 272 -9.40 10.11 11.34
CA ASP A 272 -9.41 11.23 10.39
C ASP A 272 -10.12 10.82 9.10
N ALA A 273 -10.41 9.53 8.97
CA ALA A 273 -11.06 8.99 7.78
C ALA A 273 -12.51 9.40 7.57
N LYS A 274 -12.81 9.86 6.36
CA LYS A 274 -14.16 10.28 6.01
C LYS A 274 -14.92 9.09 5.44
N ILE A 275 -16.01 8.71 6.11
CA ILE A 275 -16.80 7.59 5.65
C ILE A 275 -17.39 7.97 4.31
N VAL A 276 -17.23 7.08 3.33
CA VAL A 276 -17.70 7.32 1.98
C VAL A 276 -19.02 6.61 1.69
N GLY A 277 -19.20 5.41 2.26
CA GLY A 277 -20.42 4.67 2.03
C GLY A 277 -20.57 3.46 2.92
N GLU A 278 -21.80 3.01 3.10
CA GLU A 278 -22.10 1.85 3.94
C GLU A 278 -22.92 0.90 3.07
N TYR A 279 -22.50 -0.36 3.02
CA TYR A 279 -23.16 -1.33 2.18
C TYR A 279 -23.32 -2.69 2.82
N THR A 280 -24.34 -3.41 2.39
CA THR A 280 -24.64 -4.76 2.88
C THR A 280 -24.82 -5.68 1.68
N GLY A 281 -24.37 -6.92 1.80
CA GLY A 281 -24.50 -7.87 0.72
C GLY A 281 -24.66 -9.28 1.25
N PHE A 282 -24.99 -10.23 0.37
CA PHE A 282 -25.19 -11.61 0.78
C PHE A 282 -24.22 -12.58 0.09
N ARG A 283 -23.28 -13.10 0.85
CA ARG A 283 -22.34 -14.07 0.31
C ARG A 283 -23.15 -15.33 0.03
N PRO A 284 -22.98 -15.95 -1.13
CA PRO A 284 -23.75 -17.18 -1.42
C PRO A 284 -23.17 -18.36 -0.66
N VAL A 285 -23.49 -18.44 0.62
CA VAL A 285 -22.99 -19.51 1.50
C VAL A 285 -23.57 -20.87 1.15
N ARG A 286 -22.68 -21.81 0.84
CA ARG A 286 -23.06 -23.17 0.50
C ARG A 286 -21.85 -24.07 0.78
N PRO A 287 -22.05 -25.19 1.52
CA PRO A 287 -20.99 -26.14 1.86
C PRO A 287 -20.00 -26.43 0.73
N GLN A 288 -20.50 -26.37 -0.50
CA GLN A 288 -19.68 -26.59 -1.68
C GLN A 288 -20.17 -25.67 -2.78
N VAL A 289 -19.32 -25.44 -3.77
CA VAL A 289 -19.67 -24.62 -4.90
C VAL A 289 -20.45 -25.54 -5.82
N ARG A 290 -21.66 -25.14 -6.20
CA ARG A 290 -22.44 -25.96 -7.10
C ARG A 290 -22.01 -25.59 -8.50
N LEU A 291 -21.30 -26.51 -9.14
CA LEU A 291 -20.81 -26.32 -10.49
C LEU A 291 -20.91 -27.67 -11.21
N GLU A 292 -22.05 -27.87 -11.87
CA GLU A 292 -22.32 -29.14 -12.55
C GLU A 292 -23.31 -28.99 -13.68
N ARG A 293 -23.38 -30.03 -14.51
CA ARG A 293 -24.30 -30.07 -15.63
C ARG A 293 -25.59 -30.71 -15.15
N GLU A 294 -26.72 -30.17 -15.61
CA GLU A 294 -28.04 -30.67 -15.26
C GLU A 294 -28.92 -30.62 -16.51
N GLN A 295 -29.65 -31.70 -16.77
CA GLN A 295 -30.51 -31.77 -17.94
C GLN A 295 -31.96 -31.53 -17.58
N LEU A 296 -32.56 -30.54 -18.24
CA LEU A 296 -33.95 -30.21 -18.01
C LEU A 296 -34.70 -30.49 -19.30
N ARG A 297 -35.52 -31.52 -19.26
CA ARG A 297 -36.29 -31.98 -20.42
C ARG A 297 -37.39 -31.06 -20.93
N PHE A 298 -38.37 -30.75 -20.09
CA PHE A 298 -39.49 -29.89 -20.49
C PHE A 298 -40.25 -30.37 -21.73
N GLY A 299 -40.12 -31.67 -22.04
CA GLY A 299 -40.81 -32.27 -23.18
C GLY A 299 -40.40 -31.74 -24.54
N SER A 300 -39.40 -32.38 -25.14
CA SER A 300 -38.85 -32.02 -26.46
C SER A 300 -37.72 -30.99 -26.35
N SER A 301 -37.76 -30.18 -25.29
CA SER A 301 -36.75 -29.14 -25.08
C SER A 301 -35.36 -29.73 -24.82
N ASN A 302 -35.23 -30.42 -23.70
CA ASN A 302 -33.98 -31.06 -23.29
C ASN A 302 -32.85 -30.02 -23.25
N THR A 303 -33.04 -28.99 -22.44
CA THR A 303 -32.07 -27.91 -22.30
C THR A 303 -30.97 -28.24 -21.29
N GLU A 304 -29.73 -27.94 -21.65
CA GLU A 304 -28.61 -28.19 -20.75
C GLU A 304 -28.52 -27.03 -19.79
N VAL A 305 -28.30 -27.33 -18.52
CA VAL A 305 -28.21 -26.29 -17.51
C VAL A 305 -26.94 -26.53 -16.71
N ILE A 306 -26.08 -25.52 -16.64
CA ILE A 306 -24.83 -25.64 -15.90
C ILE A 306 -24.89 -24.65 -14.75
N HIS A 307 -24.82 -25.17 -13.53
CA HIS A 307 -24.87 -24.32 -12.35
C HIS A 307 -23.47 -23.85 -11.97
N ASN A 308 -23.39 -22.65 -11.41
CA ASN A 308 -22.11 -22.08 -11.00
C ASN A 308 -22.40 -21.04 -9.93
N TYR A 309 -22.68 -21.51 -8.71
CA TYR A 309 -23.01 -20.60 -7.62
C TYR A 309 -22.74 -21.20 -6.25
N GLY A 310 -22.84 -20.36 -5.22
CA GLY A 310 -22.57 -20.81 -3.86
C GLY A 310 -21.08 -20.68 -3.63
N HIS A 311 -20.55 -19.50 -3.90
CA HIS A 311 -19.13 -19.22 -3.74
C HIS A 311 -18.81 -18.52 -2.42
N GLY A 312 -19.77 -18.54 -1.50
CA GLY A 312 -19.58 -17.90 -0.21
C GLY A 312 -18.83 -16.58 -0.24
N GLY A 313 -17.77 -16.50 0.55
CA GLY A 313 -16.98 -15.29 0.64
C GLY A 313 -15.67 -15.39 -0.10
N TYR A 314 -15.68 -16.09 -1.23
CA TYR A 314 -14.49 -16.25 -2.04
C TYR A 314 -14.81 -16.25 -3.53
N GLY A 315 -15.88 -15.54 -3.90
CA GLY A 315 -16.28 -15.46 -5.29
C GLY A 315 -15.24 -14.80 -6.18
N LEU A 316 -14.69 -13.68 -5.73
CA LEU A 316 -13.66 -12.98 -6.49
C LEU A 316 -12.42 -13.86 -6.55
N THR A 317 -12.13 -14.49 -5.43
CA THR A 317 -10.97 -15.37 -5.27
C THR A 317 -11.00 -16.62 -6.15
N ILE A 318 -12.18 -17.13 -6.44
CA ILE A 318 -12.29 -18.36 -7.23
C ILE A 318 -12.88 -18.19 -8.65
N HIS A 319 -13.56 -17.08 -8.90
CA HIS A 319 -14.20 -16.83 -10.18
C HIS A 319 -13.64 -17.48 -11.43
N TRP A 320 -12.35 -17.30 -11.70
CA TRP A 320 -11.75 -17.85 -12.93
C TRP A 320 -11.59 -19.37 -13.00
N GLY A 321 -11.23 -20.00 -11.90
CA GLY A 321 -11.08 -21.44 -11.92
C GLY A 321 -12.41 -22.10 -12.25
N CYS A 322 -13.50 -21.46 -11.80
CA CYS A 322 -14.84 -21.96 -12.05
C CYS A 322 -15.29 -21.74 -13.50
N ALA A 323 -15.11 -20.51 -14.00
CA ALA A 323 -15.47 -20.19 -15.38
C ALA A 323 -14.79 -21.17 -16.35
N LEU A 324 -13.54 -21.52 -16.05
CA LEU A 324 -12.80 -22.47 -16.89
C LEU A 324 -13.44 -23.84 -16.82
N GLU A 325 -14.03 -24.15 -15.68
CA GLU A 325 -14.70 -25.43 -15.47
C GLU A 325 -16.01 -25.43 -16.25
N VAL A 326 -16.76 -24.35 -16.16
CA VAL A 326 -18.01 -24.25 -16.91
C VAL A 326 -17.71 -24.38 -18.39
N ALA A 327 -16.69 -23.65 -18.84
CA ALA A 327 -16.28 -23.70 -20.24
C ALA A 327 -15.97 -25.13 -20.65
N LYS A 328 -15.44 -25.93 -19.72
CA LYS A 328 -15.11 -27.33 -19.97
C LYS A 328 -16.38 -28.15 -20.12
N LEU A 329 -17.31 -27.96 -19.20
CA LEU A 329 -18.58 -28.69 -19.23
C LEU A 329 -19.34 -28.35 -20.51
N PHE A 330 -19.24 -27.08 -20.92
CA PHE A 330 -19.91 -26.59 -22.13
C PHE A 330 -19.36 -27.28 -23.36
N GLY A 331 -18.06 -27.60 -23.34
CA GLY A 331 -17.44 -28.27 -24.46
C GLY A 331 -18.06 -29.63 -24.65
N LYS A 332 -18.28 -30.33 -23.54
CA LYS A 332 -18.88 -31.66 -23.55
C LYS A 332 -20.23 -31.63 -24.26
N VAL A 333 -21.06 -30.66 -23.89
CA VAL A 333 -22.38 -30.50 -24.49
C VAL A 333 -22.23 -30.47 -26.00
N LEU A 334 -21.37 -29.58 -26.48
CA LEU A 334 -21.11 -29.43 -27.90
C LEU A 334 -20.83 -30.77 -28.58
N GLU A 335 -20.03 -31.60 -27.93
CA GLU A 335 -19.67 -32.92 -28.48
C GLU A 335 -20.85 -33.87 -28.52
N GLU A 336 -21.66 -33.88 -27.46
CA GLU A 336 -22.82 -34.76 -27.38
C GLU A 336 -23.80 -34.42 -28.48
N ARG A 337 -24.26 -33.18 -28.49
CA ARG A 337 -25.20 -32.73 -29.49
C ARG A 337 -24.57 -32.57 -30.87
N ASN A 338 -23.29 -32.95 -30.98
CA ASN A 338 -22.53 -32.88 -32.24
C ASN A 338 -22.45 -31.53 -32.94
N LEU A 339 -22.13 -30.47 -32.21
CA LEU A 339 -22.00 -29.14 -32.80
C LEU A 339 -20.53 -28.85 -33.11
N LEU A 340 -19.66 -29.75 -32.67
CA LEU A 340 -18.22 -29.64 -32.87
C LEU A 340 -17.62 -31.03 -33.03
N MET B 1 19.34 30.08 28.98
CA MET B 1 20.21 29.58 27.88
C MET B 1 19.59 30.02 26.56
N ARG B 2 20.42 30.50 25.65
CA ARG B 2 19.94 30.96 24.34
C ARG B 2 20.51 30.03 23.27
N VAL B 3 19.63 29.22 22.71
CA VAL B 3 20.01 28.29 21.66
C VAL B 3 19.38 28.78 20.37
N VAL B 4 20.16 28.84 19.30
CA VAL B 4 19.65 29.27 18.00
C VAL B 4 19.96 28.18 16.98
N VAL B 5 18.90 27.53 16.50
CA VAL B 5 19.04 26.49 15.48
C VAL B 5 19.00 27.18 14.12
N ILE B 6 19.97 26.87 13.27
CA ILE B 6 20.01 27.49 11.95
C ILE B 6 19.62 26.38 10.98
N GLY B 7 18.36 26.41 10.54
CA GLY B 7 17.87 25.42 9.62
C GLY B 7 16.50 24.94 10.03
N ALA B 8 15.59 24.88 9.06
CA ALA B 8 14.20 24.45 9.29
C ALA B 8 13.78 23.20 8.48
N GLY B 9 14.74 22.34 8.18
CA GLY B 9 14.44 21.11 7.47
C GLY B 9 14.23 20.04 8.53
N VAL B 10 14.17 18.78 8.13
CA VAL B 10 13.97 17.71 9.10
C VAL B 10 15.00 17.72 10.22
N ILE B 11 16.26 17.93 9.86
CA ILE B 11 17.40 17.95 10.81
C ILE B 11 17.32 19.09 11.82
N GLY B 12 17.03 20.29 11.34
CA GLY B 12 16.94 21.43 12.24
C GLY B 12 15.84 21.29 13.28
N LEU B 13 14.61 21.03 12.82
CA LEU B 13 13.47 20.90 13.72
C LEU B 13 13.52 19.70 14.67
N SER B 14 14.02 18.56 14.21
CA SER B 14 14.13 17.39 15.07
C SER B 14 15.09 17.75 16.20
N THR B 15 16.21 18.37 15.84
CA THR B 15 17.22 18.74 16.82
C THR B 15 16.66 19.72 17.84
N ALA B 16 15.89 20.69 17.37
CA ALA B 16 15.27 21.67 18.26
C ALA B 16 14.35 20.97 19.25
N LEU B 17 13.42 20.17 18.74
CA LEU B 17 12.46 19.44 19.57
C LEU B 17 13.17 18.55 20.59
N CYS B 18 14.07 17.72 20.09
CA CYS B 18 14.80 16.80 20.94
C CYS B 18 15.50 17.50 22.11
N ILE B 19 15.97 18.73 21.89
CA ILE B 19 16.65 19.51 22.93
C ILE B 19 15.65 20.06 23.93
N HIS B 20 14.60 20.69 23.43
CA HIS B 20 13.59 21.27 24.28
C HIS B 20 13.00 20.22 25.22
N GLU B 21 12.63 19.06 24.67
CA GLU B 21 12.08 18.00 25.50
C GLU B 21 13.09 17.66 26.57
N ARG B 22 14.31 17.43 26.11
CA ARG B 22 15.43 17.02 26.94
C ARG B 22 15.88 17.95 28.09
N TYR B 23 15.87 19.26 27.88
CA TYR B 23 16.35 20.17 28.92
C TYR B 23 15.44 21.31 29.39
N HIS B 24 14.26 21.44 28.80
CA HIS B 24 13.34 22.52 29.16
C HIS B 24 13.02 22.59 30.65
N SER B 25 13.03 21.44 31.31
CA SER B 25 12.71 21.37 32.73
C SER B 25 13.87 21.65 33.69
N VAL B 26 15.09 21.54 33.19
CA VAL B 26 16.26 21.79 34.02
C VAL B 26 16.84 23.18 33.79
N LEU B 27 16.63 23.71 32.60
CA LEU B 27 17.12 25.04 32.28
C LEU B 27 16.00 26.05 32.38
N GLN B 28 16.27 27.10 33.14
CA GLN B 28 15.36 28.21 33.35
C GLN B 28 14.91 28.76 31.98
N PRO B 29 15.38 29.96 31.54
CA PRO B 29 14.81 30.23 30.22
C PRO B 29 15.62 29.48 29.16
N LEU B 30 14.96 28.59 28.44
CA LEU B 30 15.61 27.84 27.37
C LEU B 30 15.10 28.51 26.10
N ASP B 31 15.69 29.65 25.77
CA ASP B 31 15.29 30.38 24.59
C ASP B 31 15.77 29.60 23.39
N VAL B 32 14.84 29.10 22.61
CA VAL B 32 15.18 28.36 21.41
C VAL B 32 14.55 29.11 20.25
N LYS B 33 15.38 29.48 19.30
CA LYS B 33 14.96 30.20 18.10
C LYS B 33 15.43 29.41 16.91
N VAL B 34 14.66 29.48 15.85
CA VAL B 34 15.00 28.80 14.61
C VAL B 34 15.17 29.87 13.55
N TYR B 35 16.32 29.85 12.88
CA TYR B 35 16.60 30.81 11.81
C TYR B 35 16.69 30.00 10.54
N ALA B 36 16.04 30.47 9.48
CA ALA B 36 16.08 29.76 8.22
C ALA B 36 15.59 30.66 7.12
N ASP B 37 16.19 30.55 5.95
CA ASP B 37 15.76 31.35 4.83
C ASP B 37 14.70 30.59 4.03
N ARG B 38 14.63 29.29 4.26
CA ARG B 38 13.67 28.41 3.60
C ARG B 38 12.94 27.64 4.68
N PHE B 39 11.62 27.62 4.60
CA PHE B 39 10.81 26.88 5.57
C PHE B 39 9.99 25.84 4.83
N THR B 40 9.37 24.95 5.59
CA THR B 40 8.60 23.84 5.07
C THR B 40 8.55 23.54 3.57
N PRO B 41 7.48 23.93 2.84
CA PRO B 41 7.51 23.57 1.41
C PRO B 41 8.76 23.86 0.57
N PHE B 42 9.64 24.74 1.05
CA PHE B 42 10.82 25.09 0.29
C PHE B 42 12.14 24.45 0.70
N THR B 43 12.13 23.57 1.69
CA THR B 43 13.37 22.92 2.12
C THR B 43 13.59 21.61 1.36
N THR B 44 14.82 21.10 1.40
CA THR B 44 15.15 19.85 0.70
C THR B 44 14.28 18.70 1.21
N THR B 45 13.99 18.70 2.50
CA THR B 45 13.19 17.67 3.12
C THR B 45 11.85 17.46 2.41
N ASP B 46 11.25 18.54 1.92
CA ASP B 46 9.97 18.45 1.23
C ASP B 46 10.01 17.75 -0.11
N VAL B 47 11.21 17.63 -0.67
CA VAL B 47 11.40 16.99 -1.94
C VAL B 47 11.73 15.51 -1.73
N ALA B 48 11.97 15.12 -0.50
CA ALA B 48 12.32 13.73 -0.21
C ALA B 48 11.21 12.76 -0.54
N ALA B 49 11.59 11.61 -1.11
CA ALA B 49 10.64 10.57 -1.46
C ALA B 49 9.84 10.20 -0.21
N GLY B 50 10.45 10.39 0.95
CA GLY B 50 9.82 10.10 2.22
C GLY B 50 9.88 8.65 2.69
N LEU B 51 10.96 7.95 2.39
CA LEU B 51 11.08 6.54 2.79
C LEU B 51 12.25 6.33 3.72
N TRP B 52 12.13 5.33 4.59
CA TRP B 52 13.20 4.99 5.50
C TRP B 52 13.99 3.87 4.84
N GLN B 53 15.20 4.18 4.44
CA GLN B 53 16.08 3.21 3.81
C GLN B 53 17.46 3.84 3.66
N PRO B 54 18.45 3.31 4.39
CA PRO B 54 19.81 3.84 4.32
C PRO B 54 20.40 3.39 2.99
N TYR B 55 21.62 3.84 2.71
CA TYR B 55 22.28 3.44 1.48
C TYR B 55 22.49 1.93 1.55
N THR B 56 22.72 1.30 0.41
CA THR B 56 22.95 -0.13 0.40
C THR B 56 24.38 -0.47 0.79
N SER B 57 25.18 0.56 1.04
CA SER B 57 26.57 0.37 1.42
C SER B 57 26.77 0.77 2.88
N GLU B 58 27.73 0.12 3.54
CA GLU B 58 28.03 0.39 4.95
C GLU B 58 28.51 1.81 5.16
N PRO B 59 28.08 2.43 6.26
CA PRO B 59 28.46 3.80 6.59
C PRO B 59 29.94 3.94 6.97
N SER B 60 30.56 5.01 6.50
CA SER B 60 31.96 5.29 6.79
C SER B 60 32.09 5.43 8.30
N ASN B 61 31.12 6.09 8.91
CA ASN B 61 31.08 6.27 10.36
C ASN B 61 30.06 5.26 10.89
N PRO B 62 30.52 4.22 11.60
CA PRO B 62 29.68 3.17 12.18
C PRO B 62 28.56 3.71 13.03
N GLN B 63 28.83 4.81 13.71
CA GLN B 63 27.84 5.44 14.57
C GLN B 63 26.59 5.80 13.79
N GLU B 64 26.75 5.98 12.49
CA GLU B 64 25.62 6.30 11.62
C GLU B 64 24.65 5.14 11.53
N ALA B 65 25.17 3.93 11.66
CA ALA B 65 24.33 2.74 11.64
C ALA B 65 23.42 2.79 12.86
N ASN B 66 24.01 3.06 14.01
CA ASN B 66 23.23 3.14 15.26
C ASN B 66 22.20 4.24 15.15
N TRP B 67 22.57 5.35 14.53
CA TRP B 67 21.65 6.46 14.37
C TRP B 67 20.46 6.09 13.48
N ASN B 68 20.71 5.26 12.47
CA ASN B 68 19.66 4.82 11.58
C ASN B 68 18.73 3.92 12.37
N GLN B 69 19.31 2.98 13.10
CA GLN B 69 18.56 2.06 13.91
C GLN B 69 17.64 2.83 14.84
N GLN B 70 18.22 3.70 15.64
CA GLN B 70 17.47 4.51 16.61
C GLN B 70 16.31 5.25 15.98
N THR B 71 16.48 5.70 14.74
CA THR B 71 15.42 6.42 14.07
C THR B 71 14.25 5.50 13.68
N PHE B 72 14.56 4.29 13.21
CA PHE B 72 13.51 3.36 12.83
C PHE B 72 12.69 3.02 14.06
N ASN B 73 13.37 2.65 15.15
CA ASN B 73 12.69 2.30 16.40
C ASN B 73 11.85 3.45 16.92
N TYR B 74 12.41 4.65 16.92
CA TYR B 74 11.66 5.80 17.39
C TYR B 74 10.35 5.94 16.61
N LEU B 75 10.44 5.81 15.28
CA LEU B 75 9.27 5.95 14.44
C LEU B 75 8.32 4.76 14.57
N LEU B 76 8.88 3.55 14.58
CA LEU B 76 8.08 2.34 14.70
C LEU B 76 7.19 2.43 15.93
N SER B 77 7.72 3.01 17.00
CA SER B 77 6.96 3.15 18.24
C SER B 77 5.73 4.06 18.16
N HIS B 78 5.54 4.74 17.03
CA HIS B 78 4.40 5.64 16.86
C HIS B 78 3.34 5.00 15.99
N ILE B 79 3.64 3.82 15.47
CA ILE B 79 2.72 3.12 14.59
C ILE B 79 1.33 2.83 15.16
N GLY B 80 1.26 2.19 16.31
CA GLY B 80 -0.03 1.88 16.86
C GLY B 80 -0.81 3.03 17.50
N SER B 81 -0.61 4.26 17.03
CA SER B 81 -1.30 5.39 17.65
C SER B 81 -1.95 6.32 16.66
N PRO B 82 -2.99 7.07 17.09
CA PRO B 82 -3.63 8.00 16.16
C PRO B 82 -2.62 9.13 16.01
N ASN B 83 -2.81 9.99 15.01
CA ASN B 83 -1.86 11.08 14.77
C ASN B 83 -0.56 10.60 14.14
N ALA B 84 -0.38 9.29 14.06
CA ALA B 84 0.81 8.73 13.42
C ALA B 84 0.83 9.25 11.99
N ALA B 85 -0.30 9.10 11.30
CA ALA B 85 -0.42 9.56 9.92
C ALA B 85 -0.35 11.09 9.87
N ASN B 86 -0.79 11.74 10.94
CA ASN B 86 -0.78 13.20 10.98
C ASN B 86 0.65 13.75 10.96
N MET B 87 1.59 12.95 11.48
CA MET B 87 2.98 13.37 11.47
C MET B 87 3.70 12.82 10.23
N GLY B 88 2.91 12.33 9.28
CA GLY B 88 3.47 11.81 8.04
C GLY B 88 4.07 10.43 8.15
N LEU B 89 3.57 9.63 9.09
CA LEU B 89 4.10 8.30 9.31
C LEU B 89 3.12 7.19 8.92
N THR B 90 3.60 6.21 8.17
CA THR B 90 2.79 5.07 7.75
C THR B 90 3.67 3.94 7.23
N PRO B 91 3.29 2.68 7.53
CA PRO B 91 4.08 1.52 7.07
C PRO B 91 3.91 1.32 5.57
N VAL B 92 4.93 0.74 4.94
CA VAL B 92 4.86 0.48 3.51
C VAL B 92 5.82 -0.64 3.16
N SER B 93 5.35 -1.58 2.34
CA SER B 93 6.19 -2.69 1.91
C SER B 93 6.69 -2.37 0.50
N GLY B 94 7.74 -3.05 0.06
CA GLY B 94 8.23 -2.76 -1.26
C GLY B 94 9.36 -3.65 -1.73
N TYR B 95 9.79 -3.36 -2.95
CA TYR B 95 10.83 -4.10 -3.63
C TYR B 95 12.11 -3.30 -3.90
N ASN B 96 13.24 -3.97 -3.81
CA ASN B 96 14.55 -3.37 -4.10
C ASN B 96 15.08 -4.28 -5.19
N LEU B 97 15.08 -3.78 -6.42
CA LEU B 97 15.46 -4.58 -7.58
C LEU B 97 16.84 -4.34 -8.16
N PHE B 98 17.52 -5.46 -8.44
CA PHE B 98 18.87 -5.43 -9.01
C PHE B 98 18.97 -6.28 -10.28
N ARG B 99 19.86 -5.87 -11.18
CA ARG B 99 20.07 -6.59 -12.43
C ARG B 99 21.07 -7.71 -12.18
N GLU B 100 21.60 -7.77 -10.96
CA GLU B 100 22.57 -8.77 -10.58
C GLU B 100 22.52 -9.00 -9.07
N ALA B 101 23.00 -10.16 -8.64
CA ALA B 101 23.02 -10.51 -7.23
C ALA B 101 23.95 -9.60 -6.44
N VAL B 102 23.45 -9.01 -5.36
CA VAL B 102 24.25 -8.13 -4.52
C VAL B 102 24.20 -8.61 -3.07
N PRO B 103 25.16 -8.19 -2.24
CA PRO B 103 25.16 -8.61 -0.84
C PRO B 103 24.03 -7.94 -0.04
N ASP B 104 23.67 -8.54 1.09
CA ASP B 104 22.62 -8.00 1.93
C ASP B 104 23.06 -6.68 2.49
N PRO B 105 22.12 -5.75 2.71
CA PRO B 105 22.47 -4.45 3.27
C PRO B 105 22.61 -4.60 4.78
N TYR B 106 23.47 -3.80 5.40
CA TYR B 106 23.67 -3.90 6.83
C TYR B 106 22.36 -3.65 7.59
N TRP B 107 21.43 -2.95 6.96
CA TRP B 107 20.17 -2.65 7.60
C TRP B 107 19.07 -3.69 7.41
N LYS B 108 19.43 -4.89 6.97
CA LYS B 108 18.46 -5.93 6.75
C LYS B 108 17.61 -6.29 7.97
N ASP B 109 18.24 -6.34 9.14
CA ASP B 109 17.53 -6.70 10.37
C ASP B 109 16.81 -5.53 11.01
N MET B 110 17.04 -4.33 10.50
CA MET B 110 16.39 -3.15 11.05
C MET B 110 14.97 -3.07 10.54
N VAL B 111 14.80 -3.31 9.25
CA VAL B 111 13.48 -3.27 8.65
C VAL B 111 12.68 -4.50 9.03
N LEU B 112 11.38 -4.49 8.74
CA LEU B 112 10.51 -5.61 9.06
C LEU B 112 10.44 -6.67 7.95
N GLY B 113 10.65 -7.92 8.34
CA GLY B 113 10.56 -9.03 7.42
C GLY B 113 11.28 -8.88 6.09
N PHE B 114 12.61 -8.78 6.15
CA PHE B 114 13.43 -8.67 4.96
C PHE B 114 13.66 -10.07 4.39
N ARG B 115 13.65 -10.19 3.07
CA ARG B 115 13.88 -11.46 2.40
C ARG B 115 14.20 -11.22 0.92
N LYS B 116 14.74 -12.24 0.26
CA LYS B 116 15.05 -12.16 -1.16
C LYS B 116 13.81 -12.48 -1.99
N LEU B 117 13.71 -11.90 -3.17
CA LEU B 117 12.56 -12.13 -4.03
C LEU B 117 12.58 -13.50 -4.70
N THR B 118 11.43 -14.17 -4.71
CA THR B 118 11.30 -15.47 -5.35
C THR B 118 11.16 -15.20 -6.86
N PRO B 119 11.54 -16.17 -7.71
CA PRO B 119 11.45 -16.01 -9.17
C PRO B 119 10.07 -15.59 -9.69
N ARG B 120 9.01 -16.05 -9.01
CA ARG B 120 7.65 -15.70 -9.41
C ARG B 120 7.37 -14.21 -9.16
N GLU B 121 8.00 -13.65 -8.13
CA GLU B 121 7.84 -12.23 -7.83
C GLU B 121 8.65 -11.43 -8.84
N LEU B 122 9.80 -11.97 -9.21
CA LEU B 122 10.68 -11.31 -10.16
C LEU B 122 10.11 -11.35 -11.58
N ASP B 123 9.05 -12.11 -11.78
CA ASP B 123 8.40 -12.17 -13.07
C ASP B 123 7.60 -10.89 -13.28
N MET B 124 7.29 -10.19 -12.20
CA MET B 124 6.56 -8.92 -12.27
C MET B 124 7.52 -7.80 -12.69
N PHE B 125 8.82 -8.10 -12.64
CA PHE B 125 9.88 -7.14 -12.99
C PHE B 125 10.88 -7.87 -13.90
N PRO B 126 10.50 -8.09 -15.18
CA PRO B 126 11.28 -8.78 -16.21
C PRO B 126 12.65 -8.19 -16.57
N ASP B 127 12.94 -6.99 -16.09
CA ASP B 127 14.24 -6.36 -16.36
C ASP B 127 15.21 -6.62 -15.19
N TYR B 128 14.75 -7.31 -14.15
CA TYR B 128 15.58 -7.57 -12.99
C TYR B 128 15.57 -9.04 -12.62
N ARG B 129 16.70 -9.54 -12.11
CA ARG B 129 16.78 -10.95 -11.74
C ARG B 129 17.19 -11.23 -10.30
N TYR B 130 17.18 -10.19 -9.48
CA TYR B 130 17.53 -10.31 -8.07
C TYR B 130 16.89 -9.15 -7.34
N GLY B 131 16.55 -9.36 -6.07
CA GLY B 131 15.96 -8.31 -5.28
C GLY B 131 15.63 -8.72 -3.86
N TRP B 132 15.16 -7.74 -3.10
CA TRP B 132 14.76 -7.96 -1.72
C TRP B 132 13.37 -7.40 -1.60
N PHE B 133 12.68 -7.83 -0.56
CA PHE B 133 11.35 -7.34 -0.25
C PHE B 133 11.47 -7.06 1.24
N ASN B 134 10.79 -6.03 1.69
CA ASN B 134 10.79 -5.70 3.11
C ASN B 134 9.74 -4.66 3.43
N THR B 135 9.41 -4.53 4.70
CA THR B 135 8.44 -3.54 5.14
C THR B 135 9.24 -2.48 5.89
N SER B 136 8.82 -1.23 5.74
CA SER B 136 9.50 -0.11 6.34
C SER B 136 8.46 0.97 6.63
N LEU B 137 8.93 2.20 6.80
CA LEU B 137 8.04 3.31 7.10
C LEU B 137 8.21 4.44 6.12
N ILE B 138 7.12 5.18 5.93
CA ILE B 138 7.08 6.34 5.06
C ILE B 138 7.08 7.51 6.04
N LEU B 139 8.02 8.44 5.87
CA LEU B 139 8.09 9.62 6.71
C LEU B 139 8.05 10.76 5.72
N GLU B 140 6.85 11.23 5.43
CA GLU B 140 6.65 12.30 4.47
C GLU B 140 7.20 13.64 4.97
N GLY B 141 8.30 14.06 4.34
CA GLY B 141 8.97 15.30 4.69
C GLY B 141 8.09 16.49 5.05
N ARG B 142 7.24 16.91 4.13
CA ARG B 142 6.39 18.06 4.38
C ARG B 142 5.45 17.88 5.57
N LYS B 143 4.77 16.74 5.62
CA LYS B 143 3.82 16.45 6.70
C LYS B 143 4.52 16.43 8.04
N TYR B 144 5.70 15.83 8.07
CA TYR B 144 6.50 15.72 9.28
C TYR B 144 6.95 17.12 9.70
N LEU B 145 7.40 17.94 8.74
CA LEU B 145 7.84 19.30 9.04
C LEU B 145 6.72 20.16 9.60
N GLN B 146 5.50 19.97 9.10
CA GLN B 146 4.33 20.72 9.60
C GLN B 146 4.07 20.28 11.04
N TRP B 147 4.16 18.99 11.28
CA TRP B 147 3.96 18.40 12.60
C TRP B 147 4.96 18.99 13.59
N LEU B 148 6.25 18.84 13.28
CA LEU B 148 7.31 19.36 14.12
C LEU B 148 7.08 20.83 14.41
N THR B 149 6.78 21.60 13.38
CA THR B 149 6.54 23.03 13.55
C THR B 149 5.42 23.25 14.57
N GLU B 150 4.37 22.45 14.48
CA GLU B 150 3.25 22.57 15.40
C GLU B 150 3.73 22.27 16.82
N ARG B 151 4.52 21.22 16.97
CA ARG B 151 5.03 20.84 18.27
C ARG B 151 6.03 21.85 18.82
N LEU B 152 6.88 22.38 17.95
CA LEU B 152 7.89 23.35 18.36
C LEU B 152 7.19 24.63 18.81
N THR B 153 6.30 25.12 17.96
CA THR B 153 5.56 26.34 18.24
C THR B 153 4.84 26.32 19.57
N GLU B 154 4.17 25.23 19.90
CA GLU B 154 3.48 25.16 21.18
C GLU B 154 4.45 24.93 22.35
N ARG B 155 5.69 24.57 22.03
CA ARG B 155 6.73 24.37 23.02
C ARG B 155 7.34 25.73 23.39
N GLY B 156 6.96 26.75 22.63
CA GLY B 156 7.46 28.10 22.85
C GLY B 156 8.66 28.46 21.96
N VAL B 157 8.89 27.68 20.92
CA VAL B 157 10.00 27.94 20.01
C VAL B 157 9.59 28.98 18.98
N LYS B 158 10.38 30.05 18.87
CA LYS B 158 10.08 31.10 17.92
C LYS B 158 10.84 30.84 16.62
N PHE B 159 10.18 31.08 15.49
CA PHE B 159 10.77 30.87 14.18
C PHE B 159 11.04 32.22 13.51
N PHE B 160 12.23 32.39 12.94
CA PHE B 160 12.62 33.63 12.28
C PHE B 160 13.12 33.35 10.87
N LEU B 161 12.52 34.03 9.91
CA LEU B 161 12.89 33.91 8.51
C LEU B 161 14.08 34.82 8.27
N ARG B 162 15.28 34.25 8.11
CA ARG B 162 16.47 35.05 7.84
C ARG B 162 17.71 34.23 7.49
N LYS B 163 18.43 34.69 6.47
CA LYS B 163 19.64 34.00 6.04
C LYS B 163 20.84 34.48 6.83
N VAL B 164 21.40 33.57 7.60
CA VAL B 164 22.56 33.86 8.42
C VAL B 164 23.79 33.91 7.51
N GLU B 165 24.49 35.04 7.53
CA GLU B 165 25.68 35.23 6.72
C GLU B 165 26.93 34.67 7.42
N SER B 166 26.89 34.63 8.75
CA SER B 166 28.01 34.12 9.53
C SER B 166 27.57 33.79 10.95
N PHE B 167 28.22 32.80 11.55
CA PHE B 167 27.92 32.40 12.92
C PHE B 167 28.10 33.63 13.81
N GLU B 168 29.14 34.40 13.48
CA GLU B 168 29.49 35.61 14.22
C GLU B 168 28.29 36.50 14.51
N GLU B 169 27.49 36.79 13.50
CA GLU B 169 26.32 37.64 13.71
C GLU B 169 25.30 37.00 14.64
N VAL B 170 25.17 35.67 14.58
CA VAL B 170 24.23 34.98 15.46
C VAL B 170 24.79 35.10 16.87
N ALA B 171 26.11 34.91 16.98
CA ALA B 171 26.81 35.01 18.25
C ALA B 171 26.61 36.39 18.84
N ARG B 172 26.80 37.42 18.02
CA ARG B 172 26.64 38.80 18.44
C ARG B 172 25.20 38.99 18.87
N GLY B 173 24.29 38.25 18.22
CA GLY B 173 22.88 38.34 18.54
C GLY B 173 22.60 37.93 19.98
N GLY B 174 23.50 37.15 20.57
CA GLY B 174 23.33 36.70 21.94
C GLY B 174 23.11 35.20 22.09
N ALA B 175 23.32 34.47 21.00
CA ALA B 175 23.14 33.02 21.02
C ALA B 175 24.25 32.41 21.83
N ASP B 176 23.89 31.71 22.91
CA ASP B 176 24.87 31.06 23.75
C ASP B 176 25.38 29.82 23.01
N VAL B 177 24.45 29.07 22.43
CA VAL B 177 24.77 27.87 21.69
C VAL B 177 24.09 27.95 20.33
N ILE B 178 24.82 27.60 19.28
CA ILE B 178 24.28 27.63 17.93
C ILE B 178 24.31 26.22 17.34
N ILE B 179 23.15 25.73 16.91
CA ILE B 179 23.04 24.41 16.31
C ILE B 179 22.98 24.65 14.80
N ASN B 180 24.04 24.28 14.11
CA ASN B 180 24.13 24.46 12.66
C ASN B 180 23.58 23.25 11.88
N CYS B 181 22.35 23.38 11.38
CA CYS B 181 21.70 22.33 10.61
C CYS B 181 21.31 22.88 9.23
N THR B 182 22.27 23.51 8.57
CA THR B 182 22.06 24.14 7.26
C THR B 182 22.06 23.25 6.02
N GLY B 183 22.13 21.94 6.18
CA GLY B 183 22.11 21.05 5.03
C GLY B 183 23.23 21.27 4.04
N VAL B 184 22.89 21.27 2.75
CA VAL B 184 23.88 21.43 1.67
C VAL B 184 24.56 22.81 1.60
N TRP B 185 23.91 23.81 2.19
CA TRP B 185 24.41 25.19 2.18
C TRP B 185 25.30 25.53 3.38
N ALA B 186 25.82 24.49 4.03
CA ALA B 186 26.67 24.70 5.19
C ALA B 186 28.00 25.35 4.85
N GLY B 187 28.58 24.96 3.72
CA GLY B 187 29.86 25.51 3.28
C GLY B 187 29.88 27.02 3.23
N VAL B 188 28.70 27.64 3.18
CA VAL B 188 28.58 29.09 3.15
C VAL B 188 28.95 29.67 4.51
N LEU B 189 28.47 29.05 5.58
CA LEU B 189 28.77 29.52 6.94
C LEU B 189 30.20 29.19 7.30
N GLN B 190 30.71 28.11 6.75
CA GLN B 190 32.07 27.67 7.01
C GLN B 190 32.47 26.72 5.90
N PRO B 191 33.59 27.04 5.21
CA PRO B 191 34.10 26.22 4.10
C PRO B 191 34.26 24.77 4.48
N ASP B 192 33.63 23.89 3.70
CA ASP B 192 33.73 22.45 3.93
C ASP B 192 33.77 21.74 2.57
N PRO B 193 34.98 21.57 2.00
CA PRO B 193 35.19 20.92 0.72
C PRO B 193 34.71 19.47 0.60
N LEU B 194 34.26 18.90 1.72
CA LEU B 194 33.76 17.52 1.73
C LEU B 194 32.27 17.53 1.47
N LEU B 195 31.65 18.68 1.71
CA LEU B 195 30.23 18.87 1.52
C LEU B 195 29.97 19.35 0.09
N GLN B 196 29.19 18.57 -0.67
CA GLN B 196 28.83 18.89 -2.04
C GLN B 196 27.43 18.39 -2.35
N PRO B 197 26.69 19.11 -3.19
CA PRO B 197 25.32 18.73 -3.56
C PRO B 197 25.14 17.47 -4.39
N GLY B 198 24.05 16.77 -4.11
CA GLY B 198 23.69 15.58 -4.85
C GLY B 198 22.32 15.96 -5.39
N ARG B 199 22.30 16.61 -6.54
CA ARG B 199 21.05 17.05 -7.15
C ARG B 199 20.15 15.87 -7.46
N GLY B 200 18.89 15.99 -7.06
CA GLY B 200 17.93 14.93 -7.31
C GLY B 200 16.63 15.55 -7.76
N GLN B 201 16.02 14.96 -8.78
CA GLN B 201 14.76 15.44 -9.32
C GLN B 201 13.69 14.37 -9.15
N ILE B 202 12.47 14.81 -8.90
CA ILE B 202 11.35 13.89 -8.71
C ILE B 202 10.08 14.39 -9.37
N ILE B 203 9.19 13.46 -9.68
CA ILE B 203 7.89 13.77 -10.27
C ILE B 203 6.90 13.21 -9.25
N LYS B 204 5.92 14.00 -8.86
CA LYS B 204 4.92 13.54 -7.91
C LYS B 204 3.70 13.30 -8.77
N VAL B 205 3.16 12.11 -8.68
CA VAL B 205 2.04 11.72 -9.51
C VAL B 205 0.86 11.22 -8.69
N ASP B 206 -0.33 11.27 -9.28
CA ASP B 206 -1.54 10.81 -8.63
C ASP B 206 -1.91 9.45 -9.17
N ALA B 207 -1.40 8.42 -8.53
CA ALA B 207 -1.67 7.05 -8.91
C ALA B 207 -1.93 6.26 -7.62
N PRO B 208 -3.08 6.51 -6.98
CA PRO B 208 -3.50 5.87 -5.73
C PRO B 208 -3.47 4.36 -5.64
N TRP B 209 -3.62 3.67 -6.77
CA TRP B 209 -3.62 2.20 -6.76
C TRP B 209 -2.25 1.62 -6.43
N LEU B 210 -1.22 2.45 -6.48
CA LEU B 210 0.12 1.98 -6.17
C LEU B 210 0.29 1.91 -4.67
N LYS B 211 0.40 0.68 -4.16
CA LYS B 211 0.52 0.42 -2.73
C LYS B 211 1.94 0.12 -2.23
N ASN B 212 2.75 -0.48 -3.10
CA ASN B 212 4.12 -0.85 -2.72
C ASN B 212 5.18 0.09 -3.33
N PHE B 213 6.33 0.20 -2.66
CA PHE B 213 7.41 1.02 -3.19
C PHE B 213 8.25 0.11 -4.06
N ILE B 214 8.86 0.68 -5.10
CA ILE B 214 9.70 -0.11 -6.02
C ILE B 214 10.95 0.68 -6.29
N ILE B 215 12.08 0.17 -5.82
CA ILE B 215 13.36 0.87 -6.01
C ILE B 215 14.29 0.01 -6.83
N THR B 216 14.60 0.45 -8.05
CA THR B 216 15.52 -0.29 -8.90
C THR B 216 16.93 0.28 -8.66
N HIS B 217 17.94 -0.57 -8.78
CA HIS B 217 19.31 -0.12 -8.55
C HIS B 217 20.21 -0.42 -9.73
N ASP B 218 20.97 0.58 -10.15
CA ASP B 218 21.91 0.43 -11.25
C ASP B 218 23.29 0.67 -10.66
N LEU B 219 24.03 -0.40 -10.47
CA LEU B 219 25.36 -0.32 -9.89
C LEU B 219 26.34 0.47 -10.75
N GLU B 220 26.04 0.57 -12.04
CA GLU B 220 26.89 1.30 -12.96
C GLU B 220 26.72 2.80 -12.76
N ARG B 221 25.48 3.27 -12.82
CA ARG B 221 25.19 4.69 -12.66
C ARG B 221 25.17 5.18 -11.23
N GLY B 222 25.31 4.28 -10.27
CA GLY B 222 25.32 4.71 -8.87
C GLY B 222 23.95 4.79 -8.22
N ILE B 223 23.95 4.89 -6.90
CA ILE B 223 22.70 4.94 -6.15
C ILE B 223 21.75 6.07 -6.56
N TYR B 224 20.48 5.72 -6.65
CA TYR B 224 19.39 6.62 -7.00
C TYR B 224 19.41 7.23 -8.39
N ASN B 225 20.31 6.73 -9.23
CA ASN B 225 20.38 7.16 -10.62
C ASN B 225 19.66 6.05 -11.38
N SER B 226 18.52 5.64 -10.83
CA SER B 226 17.68 4.58 -11.37
C SER B 226 16.24 4.94 -11.01
N PRO B 227 15.26 4.45 -11.78
CA PRO B 227 13.86 4.76 -11.48
C PRO B 227 13.33 4.13 -10.19
N TYR B 228 12.50 4.89 -9.50
CA TYR B 228 11.89 4.42 -8.28
C TYR B 228 10.51 5.03 -8.16
N ILE B 229 9.63 4.27 -7.53
CA ILE B 229 8.25 4.68 -7.33
C ILE B 229 8.07 4.53 -5.83
N ILE B 230 7.72 5.61 -5.16
CA ILE B 230 7.53 5.55 -3.72
C ILE B 230 6.17 6.12 -3.35
N PRO B 231 5.22 5.24 -2.99
CA PRO B 231 3.91 5.75 -2.62
C PRO B 231 4.01 6.51 -1.30
N GLY B 232 3.41 7.68 -1.25
CA GLY B 232 3.44 8.48 -0.04
C GLY B 232 2.04 8.55 0.51
N LEU B 233 1.86 9.31 1.58
CA LEU B 233 0.57 9.46 2.22
C LEU B 233 -0.61 9.68 1.27
N GLN B 234 -0.38 10.34 0.13
CA GLN B 234 -1.45 10.55 -0.83
C GLN B 234 -1.01 11.03 -2.22
N ALA B 235 0.11 10.50 -2.68
CA ALA B 235 0.69 10.83 -3.98
C ALA B 235 1.87 9.89 -4.11
N VAL B 236 2.27 9.59 -5.32
CA VAL B 236 3.39 8.69 -5.56
C VAL B 236 4.57 9.46 -6.11
N THR B 237 5.76 9.23 -5.55
CA THR B 237 6.97 9.89 -6.03
C THR B 237 7.66 9.01 -7.05
N LEU B 238 7.92 9.59 -8.20
CA LEU B 238 8.58 8.93 -9.31
C LEU B 238 9.92 9.64 -9.36
N GLY B 239 11.00 8.89 -9.43
CA GLY B 239 12.29 9.55 -9.47
C GLY B 239 13.37 8.75 -10.14
N GLY B 240 14.57 9.34 -10.16
CA GLY B 240 15.69 8.66 -10.76
C GLY B 240 17.01 9.39 -10.97
N THR B 241 17.27 10.52 -10.31
CA THR B 241 18.57 11.17 -10.52
C THR B 241 19.32 11.54 -9.24
N PHE B 242 20.63 11.37 -9.28
CA PHE B 242 21.49 11.68 -8.14
C PHE B 242 22.76 12.21 -8.83
N GLN B 243 22.85 13.52 -8.94
CA GLN B 243 23.97 14.18 -9.61
C GLN B 243 24.82 15.00 -8.65
N VAL B 244 25.98 14.47 -8.26
CA VAL B 244 26.86 15.14 -7.33
C VAL B 244 27.68 16.26 -7.97
N GLY B 245 27.65 17.44 -7.35
CA GLY B 245 28.39 18.58 -7.87
C GLY B 245 27.50 19.55 -8.62
N ASN B 246 26.33 19.08 -9.03
CA ASN B 246 25.40 19.91 -9.77
C ASN B 246 24.59 20.82 -8.83
N TRP B 247 24.66 22.13 -9.07
CA TRP B 247 23.93 23.10 -8.27
C TRP B 247 22.71 23.65 -9.00
N ASN B 248 22.45 23.15 -10.21
CA ASN B 248 21.31 23.60 -10.99
C ASN B 248 20.03 23.37 -10.19
N GLU B 249 19.42 24.45 -9.73
CA GLU B 249 18.21 24.37 -8.92
C GLU B 249 16.93 24.21 -9.73
N ILE B 250 17.05 24.21 -11.04
CA ILE B 250 15.88 24.11 -11.89
C ILE B 250 15.63 22.73 -12.47
N ASN B 251 14.36 22.40 -12.62
CA ASN B 251 13.93 21.13 -13.17
C ASN B 251 14.52 20.97 -14.56
N ASN B 252 15.23 19.88 -14.76
CA ASN B 252 15.85 19.61 -16.04
C ASN B 252 14.97 18.68 -16.87
N ILE B 253 14.53 19.18 -18.02
CA ILE B 253 13.71 18.38 -18.94
C ILE B 253 14.40 17.06 -19.27
N GLN B 254 15.72 17.08 -19.31
CA GLN B 254 16.51 15.90 -19.57
C GLN B 254 16.09 14.82 -18.56
N ASP B 255 16.17 15.17 -17.29
CA ASP B 255 15.82 14.25 -16.22
C ASP B 255 14.34 13.86 -16.23
N HIS B 256 13.46 14.81 -16.53
CA HIS B 256 12.02 14.54 -16.58
C HIS B 256 11.71 13.35 -17.47
N ASN B 257 12.35 13.27 -18.63
CA ASN B 257 12.10 12.17 -19.53
C ASN B 257 12.71 10.87 -19.02
N THR B 258 13.89 10.93 -18.40
CA THR B 258 14.51 9.72 -17.88
C THR B 258 13.63 9.10 -16.79
N ILE B 259 13.19 9.93 -15.85
CA ILE B 259 12.36 9.50 -14.73
C ILE B 259 11.03 8.95 -15.21
N TRP B 260 10.27 9.77 -15.92
CA TRP B 260 8.96 9.36 -16.41
C TRP B 260 9.05 8.10 -17.25
N GLU B 261 9.96 8.12 -18.22
CA GLU B 261 10.18 6.99 -19.11
C GLU B 261 10.67 5.75 -18.38
N GLY B 262 11.50 5.96 -17.35
CA GLY B 262 12.02 4.84 -16.59
C GLY B 262 10.96 4.22 -15.71
N CYS B 263 10.13 5.07 -15.13
CA CYS B 263 9.07 4.62 -14.26
C CYS B 263 7.88 3.95 -14.96
N CYS B 264 7.45 4.48 -16.11
CA CYS B 264 6.35 3.86 -16.84
C CYS B 264 6.71 2.48 -17.36
N ARG B 265 8.00 2.23 -17.58
CA ARG B 265 8.42 0.91 -18.04
C ARG B 265 8.34 -0.04 -16.85
N LEU B 266 8.68 0.48 -15.67
CA LEU B 266 8.65 -0.28 -14.44
C LEU B 266 7.20 -0.55 -14.10
N GLU B 267 6.39 0.49 -14.23
CA GLU B 267 4.98 0.42 -13.92
C GLU B 267 4.15 1.01 -15.06
N PRO B 268 3.77 0.17 -16.03
CA PRO B 268 2.97 0.59 -17.19
C PRO B 268 1.68 1.32 -16.84
N THR B 269 1.09 1.01 -15.69
CA THR B 269 -0.15 1.65 -15.27
C THR B 269 0.05 3.13 -14.98
N LEU B 270 1.31 3.53 -14.93
CA LEU B 270 1.64 4.92 -14.65
C LEU B 270 1.13 5.82 -15.78
N LYS B 271 0.89 5.23 -16.95
CA LYS B 271 0.41 5.98 -18.11
C LYS B 271 -0.86 6.78 -17.78
N ASP B 272 -1.68 6.25 -16.88
CA ASP B 272 -2.92 6.91 -16.50
C ASP B 272 -2.73 7.86 -15.31
N ALA B 273 -1.54 7.90 -14.74
CA ALA B 273 -1.28 8.77 -13.60
C ALA B 273 -1.31 10.24 -13.99
N LYS B 274 -1.73 11.09 -13.06
CA LYS B 274 -1.77 12.52 -13.32
C LYS B 274 -0.61 13.16 -12.58
N ILE B 275 0.17 13.96 -13.29
CA ILE B 275 1.31 14.64 -12.69
C ILE B 275 0.86 15.82 -11.84
N VAL B 276 1.26 15.80 -10.58
CA VAL B 276 0.92 16.86 -9.65
C VAL B 276 2.07 17.86 -9.49
N GLY B 277 3.30 17.40 -9.64
CA GLY B 277 4.45 18.29 -9.52
C GLY B 277 5.83 17.72 -9.82
N GLU B 278 6.76 18.60 -10.19
CA GLU B 278 8.14 18.26 -10.52
C GLU B 278 9.03 19.03 -9.56
N TYR B 279 9.96 18.35 -8.92
CA TYR B 279 10.83 19.03 -7.96
C TYR B 279 12.28 18.62 -8.05
N THR B 280 13.14 19.51 -7.58
CA THR B 280 14.57 19.30 -7.57
C THR B 280 15.08 19.70 -6.20
N GLY B 281 15.96 18.89 -5.64
CA GLY B 281 16.52 19.19 -4.34
C GLY B 281 17.95 18.69 -4.32
N PHE B 282 18.76 19.24 -3.42
CA PHE B 282 20.14 18.84 -3.32
C PHE B 282 20.40 18.08 -2.04
N ARG B 283 20.73 16.80 -2.18
CA ARG B 283 21.04 15.96 -1.04
C ARG B 283 22.38 16.47 -0.50
N PRO B 284 22.44 16.81 0.81
CA PRO B 284 23.69 17.30 1.39
C PRO B 284 24.75 16.19 1.51
N VAL B 285 25.41 15.90 0.39
CA VAL B 285 26.44 14.86 0.33
C VAL B 285 27.74 15.22 1.08
N ARG B 286 28.25 14.26 1.85
CA ARG B 286 29.49 14.40 2.63
C ARG B 286 29.94 12.96 2.93
N PRO B 287 31.25 12.69 2.95
CA PRO B 287 31.72 11.32 3.22
C PRO B 287 31.27 10.82 4.60
N GLN B 288 30.95 11.76 5.48
CA GLN B 288 30.49 11.46 6.82
C GLN B 288 29.57 12.58 7.21
N VAL B 289 28.65 12.31 8.11
CA VAL B 289 27.75 13.33 8.60
C VAL B 289 28.59 14.18 9.56
N ARG B 290 28.55 15.49 9.42
CA ARG B 290 29.32 16.31 10.34
C ARG B 290 28.45 16.61 11.54
N LEU B 291 28.76 15.96 12.64
CA LEU B 291 28.04 16.12 13.88
C LEU B 291 29.11 16.20 14.97
N GLU B 292 29.40 17.43 15.39
CA GLU B 292 30.43 17.69 16.40
C GLU B 292 30.33 19.10 16.98
N ARG B 293 30.98 19.32 18.12
CA ARG B 293 30.99 20.62 18.78
C ARG B 293 32.17 21.41 18.23
N GLU B 294 32.09 22.73 18.33
CA GLU B 294 33.15 23.59 17.85
C GLU B 294 33.06 24.90 18.63
N GLN B 295 34.17 25.30 19.23
CA GLN B 295 34.24 26.51 20.03
C GLN B 295 34.68 27.68 19.16
N LEU B 296 34.08 28.85 19.40
CA LEU B 296 34.42 30.07 18.69
C LEU B 296 34.69 31.14 19.74
N ARG B 297 35.90 31.69 19.71
CA ARG B 297 36.32 32.70 20.69
C ARG B 297 35.77 34.12 20.53
N PHE B 298 36.27 34.83 19.52
CA PHE B 298 35.88 36.22 19.23
C PHE B 298 36.28 37.18 20.37
N GLY B 299 37.11 36.70 21.30
CA GLY B 299 37.52 37.52 22.43
C GLY B 299 36.34 37.84 23.34
N SER B 300 36.24 37.13 24.46
CA SER B 300 35.16 37.31 25.43
C SER B 300 33.78 37.03 24.82
N SER B 301 33.77 36.26 23.74
CA SER B 301 32.53 35.92 23.06
C SER B 301 32.29 34.40 22.97
N ASN B 302 33.33 33.62 23.30
CA ASN B 302 33.30 32.15 23.27
C ASN B 302 31.96 31.47 23.05
N THR B 303 31.49 31.47 21.81
CA THR B 303 30.23 30.86 21.46
C THR B 303 30.42 29.38 21.15
N GLU B 304 29.44 28.57 21.55
CA GLU B 304 29.47 27.14 21.30
C GLU B 304 28.66 26.82 20.04
N VAL B 305 29.26 26.09 19.11
CA VAL B 305 28.57 25.70 17.88
C VAL B 305 28.57 24.18 17.75
N ILE B 306 27.38 23.60 17.56
CA ILE B 306 27.25 22.16 17.39
C ILE B 306 26.75 21.92 15.97
N HIS B 307 27.55 21.23 15.17
CA HIS B 307 27.21 20.95 13.78
C HIS B 307 26.43 19.65 13.65
N ASN B 308 25.61 19.57 12.60
CA ASN B 308 24.80 18.40 12.29
C ASN B 308 24.22 18.56 10.89
N TYR B 309 25.05 18.29 9.88
CA TYR B 309 24.60 18.41 8.48
C TYR B 309 25.37 17.46 7.57
N GLY B 310 24.95 17.35 6.32
CA GLY B 310 25.63 16.47 5.38
C GLY B 310 25.13 15.06 5.46
N HIS B 311 23.82 14.93 5.61
CA HIS B 311 23.18 13.62 5.73
C HIS B 311 22.81 12.99 4.40
N GLY B 312 23.43 13.47 3.32
CA GLY B 312 23.18 12.93 1.99
C GLY B 312 21.73 12.59 1.70
N GLY B 313 21.52 11.36 1.25
CA GLY B 313 20.18 10.91 0.92
C GLY B 313 19.57 9.99 1.96
N TYR B 314 19.88 10.23 3.23
CA TYR B 314 19.34 9.43 4.32
C TYR B 314 19.03 10.30 5.52
N GLY B 315 18.65 11.55 5.25
CA GLY B 315 18.32 12.50 6.30
C GLY B 315 17.06 12.18 7.08
N LEU B 316 16.02 11.71 6.41
CA LEU B 316 14.78 11.35 7.09
C LEU B 316 15.02 10.08 7.89
N THR B 317 15.86 9.21 7.32
CA THR B 317 16.22 7.92 7.88
C THR B 317 17.11 7.95 9.14
N ILE B 318 18.01 8.93 9.23
CA ILE B 318 18.92 9.05 10.37
C ILE B 318 18.60 10.20 11.32
N HIS B 319 17.64 11.04 10.97
CA HIS B 319 17.29 12.22 11.75
C HIS B 319 17.21 12.14 13.27
N TRP B 320 16.59 11.11 13.82
CA TRP B 320 16.45 11.02 15.28
C TRP B 320 17.76 10.65 15.97
N GLY B 321 18.57 9.81 15.33
CA GLY B 321 19.84 9.41 15.92
C GLY B 321 20.76 10.61 16.05
N CYS B 322 20.74 11.46 15.02
CA CYS B 322 21.57 12.64 15.04
C CYS B 322 21.04 13.60 16.09
N ALA B 323 19.73 13.81 16.11
CA ALA B 323 19.10 14.70 17.08
C ALA B 323 19.47 14.31 18.51
N LEU B 324 19.47 13.02 18.82
CA LEU B 324 19.81 12.54 20.15
C LEU B 324 21.27 12.78 20.47
N GLU B 325 22.12 12.67 19.44
CA GLU B 325 23.55 12.88 19.61
C GLU B 325 23.82 14.36 19.93
N VAL B 326 23.09 15.25 19.27
CA VAL B 326 23.22 16.69 19.48
C VAL B 326 22.77 17.07 20.90
N ALA B 327 21.70 16.43 21.36
CA ALA B 327 21.17 16.67 22.69
C ALA B 327 22.24 16.25 23.68
N LYS B 328 22.87 15.11 23.42
CA LYS B 328 23.91 14.61 24.29
C LYS B 328 25.08 15.57 24.37
N LEU B 329 25.43 16.15 23.23
CA LEU B 329 26.52 17.11 23.16
C LEU B 329 26.13 18.38 23.90
N PHE B 330 24.89 18.82 23.69
CA PHE B 330 24.39 20.01 24.35
C PHE B 330 24.52 19.78 25.86
N GLY B 331 24.34 18.54 26.28
CA GLY B 331 24.46 18.19 27.69
C GLY B 331 25.84 18.51 28.23
N LYS B 332 26.88 18.18 27.46
CA LYS B 332 28.24 18.46 27.88
C LYS B 332 28.47 19.97 28.00
N VAL B 333 27.84 20.74 27.10
CA VAL B 333 27.97 22.20 27.10
C VAL B 333 27.54 22.71 28.48
N LEU B 334 26.41 22.20 28.95
CA LEU B 334 25.85 22.59 30.25
C LEU B 334 26.75 22.13 31.40
N GLU B 335 27.27 20.93 31.30
CA GLU B 335 28.13 20.42 32.35
C GLU B 335 29.41 21.23 32.48
N GLU B 336 29.91 21.75 31.37
CA GLU B 336 31.11 22.56 31.40
C GLU B 336 30.80 23.84 32.15
N ARG B 337 29.57 24.33 31.98
CA ARG B 337 29.12 25.54 32.63
C ARG B 337 28.57 25.27 34.03
N ASN B 338 28.68 24.02 34.48
CA ASN B 338 28.19 23.61 35.80
C ASN B 338 26.69 23.85 35.88
N LEU B 339 25.99 23.67 34.77
CA LEU B 339 24.56 23.93 34.72
C LEU B 339 23.60 22.81 35.09
N LEU B 340 23.87 22.12 36.19
CA LEU B 340 22.99 21.05 36.69
C LEU B 340 23.35 20.69 38.14
PA FAD C . -23.59 -11.83 -7.54
O1A FAD C . -22.41 -11.00 -7.83
O2A FAD C . -24.46 -11.39 -6.44
O5B FAD C . -24.43 -11.89 -8.86
C5B FAD C . -25.57 -12.72 -8.93
C4B FAD C . -26.35 -12.30 -10.12
O4B FAD C . -27.44 -13.18 -10.22
C3B FAD C . -26.92 -10.89 -10.07
O3B FAD C . -26.89 -10.17 -11.32
C2B FAD C . -28.36 -11.21 -9.79
O2B FAD C . -29.20 -10.11 -10.15
C1B FAD C . -28.52 -12.38 -10.64
N9A FAD C . -29.82 -13.05 -10.49
C8A FAD C . -30.27 -13.66 -9.40
N7A FAD C . -31.46 -14.25 -9.56
C5A FAD C . -31.75 -13.87 -10.83
C6A FAD C . -32.98 -14.12 -11.42
N6A FAD C . -33.74 -15.10 -10.95
N1A FAD C . -33.15 -13.56 -12.63
C2A FAD C . -32.18 -12.85 -13.25
N3A FAD C . -30.99 -12.65 -12.68
C4A FAD C . -30.80 -13.17 -11.44
N1 FAD C . -15.08 -12.42 -2.37
C2 FAD C . -13.70 -12.53 -2.45
O2 FAD C . -13.17 -13.41 -3.10
N3 FAD C . -13.01 -11.56 -1.77
C4 FAD C . -13.58 -10.54 -1.04
O4 FAD C . -12.90 -9.55 -0.80
C4X FAD C . -14.98 -10.73 -0.76
N5 FAD C . -15.52 -9.81 0.10
C5X FAD C . -16.86 -9.91 0.39
C6 FAD C . -17.33 -9.00 1.28
C7 FAD C . -18.66 -8.85 1.45
C7M FAD C . -19.11 -7.74 2.40
C8 FAD C . -19.53 -9.66 0.74
C8M FAD C . -21.03 -9.41 0.76
C9 FAD C . -19.05 -10.62 -0.10
C9A FAD C . -17.71 -10.76 -0.29
N10 FAD C . -17.20 -11.61 -1.27
C10 FAD C . -15.81 -11.62 -1.46
C1' FAD C . -17.82 -12.70 -1.69
C2' FAD C . -18.88 -12.38 -2.75
O2' FAD C . -18.66 -11.15 -3.37
C3' FAD C . -19.32 -13.50 -3.67
O3' FAD C . -18.38 -14.56 -3.72
C4' FAD C . -19.96 -13.11 -4.99
O4' FAD C . -19.26 -12.16 -5.76
C5' FAD C . -20.33 -14.25 -5.87
O5' FAD C . -20.68 -13.72 -7.14
P FAD C . -22.01 -14.13 -7.88
O1P FAD C . -21.79 -13.77 -9.28
O2P FAD C . -22.28 -15.53 -7.55
O3P FAD C . -23.13 -13.28 -7.31
C BE2 D . -15.11 -11.14 3.09
O BE2 D . -15.79 -10.26 3.65
OXT BE2 D . -15.64 -12.17 2.62
C1 BE2 D . -13.60 -10.93 2.94
CA BE2 D . -12.82 -11.74 2.03
C3 BE2 D . -11.42 -11.48 1.95
N BE2 D . -13.39 -12.76 1.32
C4 BE2 D . -10.81 -10.48 2.72
C5 BE2 D . -11.59 -9.71 3.59
C6 BE2 D . -12.95 -9.93 3.69
PA FAD E . 17.22 20.94 4.45
O1A FAD E . 15.84 20.37 4.42
O2A FAD E . 17.75 21.44 3.14
O5B FAD E . 17.16 22.17 5.46
C5B FAD E . 18.25 23.09 5.55
C4B FAD E . 17.78 24.30 6.27
O4B FAD E . 18.84 25.20 6.58
C3B FAD E . 16.73 25.06 5.52
O3B FAD E . 15.68 25.51 6.35
C2B FAD E . 17.49 26.24 5.04
O2B FAD E . 16.57 27.31 4.90
C1B FAD E . 18.41 26.51 6.18
N9A FAD E . 19.53 27.40 5.81
C8A FAD E . 20.60 27.09 5.05
N7A FAD E . 21.55 28.02 5.06
C5A FAD E . 20.95 29.00 5.80
C6A FAD E . 21.53 30.24 6.07
N6A FAD E . 22.74 30.57 5.64
N1A FAD E . 20.77 31.07 6.80
C2A FAD E . 19.55 30.76 7.25
N3A FAD E . 18.99 29.58 6.97
C4A FAD E . 19.73 28.69 6.25
N1 FAD E . 16.30 10.93 2.48
C2 FAD E . 15.72 9.87 3.12
O2 FAD E . 16.04 9.57 4.27
N3 FAD E . 14.73 9.23 2.39
C4 FAD E . 14.14 9.68 1.19
O4 FAD E . 13.10 9.13 0.77
C4X FAD E . 14.85 10.82 0.63
N5 FAD E . 14.44 11.17 -0.62
C5X FAD E . 15.14 12.16 -1.25
C6 FAD E . 14.77 12.47 -2.51
C7 FAD E . 15.30 13.56 -3.12
C7M FAD E . 15.08 13.73 -4.64
C8 FAD E . 16.15 14.41 -2.40
C8M FAD E . 16.59 15.77 -2.86
C9 FAD E . 16.50 14.09 -1.14
C9A FAD E . 16.04 12.97 -0.55
N10 FAD E . 16.35 12.71 0.77
C10 FAD E . 15.87 11.53 1.29
C1' FAD E . 17.41 13.26 1.38
C2' FAD E . 17.15 14.64 1.99
O2' FAD E . 15.78 14.82 2.23
C3' FAD E . 18.10 15.20 3.07
O3' FAD E . 18.69 14.23 3.94
C4' FAD E . 17.60 16.41 3.81
O4' FAD E . 16.24 16.29 4.14
C5' FAD E . 18.39 16.72 5.05
O5' FAD E . 17.74 17.69 5.85
P FAD E . 18.44 19.01 6.30
O1P FAD E . 17.70 19.61 7.43
O2P FAD E . 19.86 18.63 6.48
O3P FAD E . 18.25 19.89 5.02
C BE2 F . 16.46 9.39 -2.74
O BE2 F . 15.91 10.01 -3.66
OXT BE2 F . 17.56 9.75 -2.29
C1 BE2 F . 15.77 8.15 -2.15
CA BE2 F . 15.94 7.76 -0.78
C3 BE2 F . 15.30 6.63 -0.28
N BE2 F . 16.75 8.42 0.01
C4 BE2 F . 14.50 5.87 -1.12
C5 BE2 F . 14.33 6.25 -2.46
C6 BE2 F . 14.96 7.37 -2.97
#